data_3W3X
#
_entry.id   3W3X
#
_cell.length_a   78.090
_cell.length_b   126.310
_cell.length_c   128.050
_cell.angle_alpha   90.00
_cell.angle_beta   90.00
_cell.angle_gamma   90.00
#
_symmetry.space_group_name_H-M   'P 21 21 21'
#
loop_
_entity.id
_entity.type
_entity.pdbx_description
1 polymer 'Importin subunit beta-3'
2 polymer 'Phosphate system positive regulatory protein PHO4'
#
loop_
_entity_poly.entity_id
_entity_poly.type
_entity_poly.pdbx_seq_one_letter_code
_entity_poly.pdbx_strand_id
1 'polypeptide(L)'
;MSALPEEVNRTLLQIVQAFASPDNQIRSVAEKALSEEWITENNIEYLLTFLAEQAAFSQDTTVAALSAVLFRKLALKAPI
THIRKEVLAQIRSSLLKGFLSERADSIRHKLSDAIAECVQDDLPAWPELLQALIESLKSGNPNFRESSFRILTTVPYLIT
AVDINSILPIFQSGFTDASDNVKIAAVTAFVGYFKQLPKSEWSKLGILLPSLLNSLPRFLDDGKDDALASVFESLIELVE
LAPKLFKDMFDQIIQFTDMVIKNKDLEPPARTTALELLTVFSENAPQMCKSNQNYGQTLVMVTLIMMTEVSIDDDDAAEW
IESDDTDDEEEVTYDHARQALDRVALKLGGEYLAAPLFQYLQQMITSTEWRERFAAMMALSSAAEGCADVLIGEIPKILD
MVIPLINDPHPRVQYGCCNVLGQISTDFSPFIQRTAHDRILPALISKLTSECTSRVQTHAAAALVNFSEFASKDILEPYL
DSLLTNLLVLLQSNKLYVQEQALTTIAFIAEAAKNKFIKYYDTLMPLLLNVLKVNNKDNSVLKGKCMECATLIGFAVGKE
KFHEHSQELISILVALQNSDIDEDDALRSYLEQSWSRICRILGDDFVPLLPIVIPPLLITAKATQDVGLIEEEEAANFQQ
YPDWDVVQVQGKHIAIHTSVLDDKVSAMELLQSYATLLRGQFAVYVKEVMEEIALPSLDFYLHDGVRAAGATLIPILLSC
LLAATGTQNEELVLLWHKASSKLIGGLMSEPMPEITQVYHNSLVNGIKVMGDNCLSEDQLAAFTKGVSANLTDTYERMQD
RHGDGDEYNENIDEEEDFTDEDLLDEINKSIAAVLKTTNGHYLKNLENIWPMINTFLLDNEPILVIFALVVIGDLIQYGG
EQTASMKNAFIPKVTECLISPDARIRQAASYIIGVCAQYAPSTYADVCIPTLDTLVQIVDFPGSKLEENRSSTENASAAI
AKILYAYNSNIPNVDTYTANWFKTLPTITDKEAASFNYQFLSQLIENNSPIVCAQSNISAVVDSVIQALNERSLTEREGQ
TVISSVKKLLGFLPSSDAMAIFNRYPADIMEKVHKWFA
;
A
2 'polypeptide(L)' SANKVTKNKSNSSPYLNKRRGKPGPDS B
#
# COMPACT_ATOMS: atom_id res chain seq x y z
N GLU A 6 -40.51 -39.80 -15.56
CA GLU A 6 -41.54 -38.81 -15.97
C GLU A 6 -41.97 -37.94 -14.79
N GLU A 7 -42.10 -38.55 -13.62
CA GLU A 7 -42.57 -37.81 -12.43
C GLU A 7 -41.56 -36.74 -12.05
N VAL A 8 -40.35 -37.18 -11.68
CA VAL A 8 -39.16 -36.35 -11.41
C VAL A 8 -39.08 -35.07 -12.26
N ASN A 9 -39.31 -35.23 -13.58
CA ASN A 9 -39.31 -34.13 -14.54
C ASN A 9 -40.28 -33.01 -14.23
N ARG A 10 -41.55 -33.32 -13.94
CA ARG A 10 -42.49 -32.21 -13.69
C ARG A 10 -42.40 -31.63 -12.30
N THR A 11 -41.85 -32.41 -11.36
CA THR A 11 -41.50 -31.86 -10.05
C THR A 11 -40.46 -30.79 -10.27
N LEU A 12 -39.34 -31.20 -10.89
CA LEU A 12 -38.23 -30.31 -11.17
C LEU A 12 -38.63 -29.17 -12.11
N LEU A 13 -39.46 -29.50 -13.10
CA LEU A 13 -39.89 -28.49 -14.06
C LEU A 13 -40.70 -27.38 -13.41
N GLN A 14 -41.60 -27.79 -12.53
CA GLN A 14 -42.43 -26.87 -11.80
C GLN A 14 -41.53 -25.95 -10.98
N ILE A 15 -40.62 -26.54 -10.21
CA ILE A 15 -39.63 -25.84 -9.37
C ILE A 15 -38.84 -24.75 -10.13
N VAL A 16 -38.15 -25.16 -11.19
CA VAL A 16 -37.36 -24.22 -11.99
C VAL A 16 -38.21 -23.12 -12.62
N GLN A 17 -39.45 -23.44 -12.99
CA GLN A 17 -40.36 -22.46 -13.59
C GLN A 17 -40.87 -21.50 -12.55
N ALA A 18 -40.99 -21.99 -11.33
CA ALA A 18 -41.37 -21.16 -10.21
C ALA A 18 -40.31 -20.09 -9.96
N PHE A 19 -39.07 -20.38 -10.33
CA PHE A 19 -37.96 -19.44 -10.09
C PHE A 19 -38.19 -18.06 -10.68
N ALA A 20 -38.65 -18.01 -11.94
CA ALA A 20 -39.09 -16.76 -12.56
C ALA A 20 -40.53 -16.54 -12.09
N SER A 21 -40.84 -15.32 -11.65
CA SER A 21 -42.15 -15.00 -11.04
C SER A 21 -42.01 -13.88 -10.02
N ASP A 23 -43.65 -13.28 -7.67
CA ASP A 23 -44.25 -13.82 -6.46
C ASP A 23 -43.20 -14.36 -5.51
N ASN A 24 -43.45 -14.20 -4.21
CA ASN A 24 -42.58 -14.78 -3.18
C ASN A 24 -42.90 -16.24 -2.89
N GLN A 25 -44.18 -16.55 -2.69
CA GLN A 25 -44.65 -17.88 -2.26
C GLN A 25 -44.22 -19.04 -3.18
N ILE A 26 -44.78 -19.09 -4.38
CA ILE A 26 -44.43 -20.12 -5.36
C ILE A 26 -42.89 -20.17 -5.52
N ARG A 27 -42.25 -19.00 -5.62
CA ARG A 27 -40.79 -18.90 -5.76
C ARG A 27 -39.94 -19.31 -4.53
N SER A 28 -40.42 -19.03 -3.32
CA SER A 28 -39.69 -19.45 -2.11
C SER A 28 -39.81 -20.96 -1.86
N VAL A 29 -41.02 -21.51 -2.03
CA VAL A 29 -41.26 -22.97 -1.97
C VAL A 29 -40.28 -23.72 -2.88
N ALA A 30 -40.10 -23.22 -4.11
CA ALA A 30 -39.15 -23.78 -5.07
C ALA A 30 -37.70 -23.63 -4.61
N GLU A 31 -37.32 -22.44 -4.16
CA GLU A 31 -35.98 -22.22 -3.59
C GLU A 31 -35.63 -23.18 -2.47
N LYS A 32 -36.54 -23.37 -1.51
CA LYS A 32 -36.30 -24.29 -0.41
C LYS A 32 -36.19 -25.70 -0.98
N ALA A 33 -37.13 -26.06 -1.85
CA ALA A 33 -37.16 -27.41 -2.44
C ALA A 33 -35.84 -27.79 -3.08
N LEU A 34 -35.28 -26.85 -3.83
CA LEU A 34 -34.01 -27.03 -4.49
C LEU A 34 -32.91 -27.29 -3.48
N SER A 35 -32.68 -26.31 -2.59
CA SER A 35 -31.62 -26.33 -1.58
C SER A 35 -31.75 -27.42 -0.50
N GLU A 36 -32.97 -27.72 -0.05
CA GLU A 36 -33.14 -28.65 1.06
C GLU A 36 -33.44 -30.07 0.64
N GLU A 37 -34.08 -30.24 -0.52
CA GLU A 37 -34.49 -31.57 -0.98
C GLU A 37 -33.65 -32.13 -2.13
N TRP A 38 -33.22 -31.26 -3.04
CA TRP A 38 -32.65 -31.72 -4.29
C TRP A 38 -31.14 -31.72 -4.37
N ILE A 39 -30.51 -30.88 -3.55
CA ILE A 39 -29.07 -30.83 -3.45
C ILE A 39 -28.63 -31.64 -2.21
N THR A 40 -28.71 -32.96 -2.35
CA THR A 40 -28.42 -33.90 -1.29
C THR A 40 -27.71 -35.05 -1.99
N GLU A 41 -26.94 -35.82 -1.22
CA GLU A 41 -26.28 -37.00 -1.78
C GLU A 41 -27.20 -37.83 -2.70
N ASN A 42 -28.48 -37.91 -2.35
CA ASN A 42 -29.43 -38.80 -3.04
C ASN A 42 -30.09 -38.28 -4.32
N ASN A 43 -30.17 -36.96 -4.46
CA ASN A 43 -30.91 -36.38 -5.57
C ASN A 43 -30.07 -35.57 -6.54
N ILE A 44 -28.84 -35.28 -6.13
CA ILE A 44 -27.98 -34.36 -6.85
C ILE A 44 -27.82 -34.73 -8.32
N GLU A 45 -27.63 -36.01 -8.59
CA GLU A 45 -27.36 -36.43 -9.95
C GLU A 45 -28.62 -36.36 -10.78
N TYR A 46 -29.75 -36.68 -10.19
CA TYR A 46 -31.02 -36.46 -10.87
C TYR A 46 -31.19 -34.97 -11.21
N LEU A 47 -30.90 -34.12 -10.25
CA LEU A 47 -31.04 -32.68 -10.43
C LEU A 47 -30.12 -32.12 -11.56
N LEU A 48 -28.85 -32.50 -11.51
CA LEU A 48 -27.90 -32.14 -12.53
C LEU A 48 -28.32 -32.72 -13.86
N THR A 49 -28.79 -33.96 -13.85
CA THR A 49 -29.27 -34.56 -15.09
C THR A 49 -30.43 -33.74 -15.67
N PHE A 50 -31.35 -33.34 -14.82
CA PHE A 50 -32.49 -32.58 -15.27
C PHE A 50 -32.08 -31.26 -15.91
N LEU A 51 -31.33 -30.46 -15.16
CA LEU A 51 -30.95 -29.09 -15.58
C LEU A 51 -30.14 -29.10 -16.90
N ALA A 52 -29.23 -30.06 -17.04
CA ALA A 52 -28.52 -30.28 -18.28
C ALA A 52 -29.48 -30.58 -19.41
N GLU A 53 -30.51 -31.38 -19.14
CA GLU A 53 -31.47 -31.73 -20.20
C GLU A 53 -32.30 -30.54 -20.61
N GLN A 54 -32.72 -29.73 -19.63
CA GLN A 54 -33.49 -28.55 -19.93
C GLN A 54 -32.69 -27.56 -20.76
N ALA A 55 -31.49 -27.24 -20.30
CA ALA A 55 -30.64 -26.31 -21.04
C ALA A 55 -30.40 -26.82 -22.46
N ALA A 56 -30.21 -28.13 -22.60
CA ALA A 56 -29.94 -28.69 -23.91
C ALA A 56 -31.18 -28.67 -24.81
N PHE A 57 -32.33 -29.03 -24.25
CA PHE A 57 -33.49 -29.37 -25.06
C PHE A 57 -34.74 -28.50 -24.89
N SER A 58 -34.85 -27.75 -23.80
CA SER A 58 -36.07 -27.02 -23.58
C SER A 58 -36.30 -26.02 -24.69
N GLN A 59 -37.54 -25.95 -25.15
CA GLN A 59 -37.96 -25.01 -26.17
C GLN A 59 -38.26 -23.62 -25.57
N ASP A 60 -38.34 -23.54 -24.25
CA ASP A 60 -38.49 -22.25 -23.59
C ASP A 60 -37.14 -21.61 -23.25
N THR A 61 -36.94 -20.37 -23.71
CA THR A 61 -35.68 -19.62 -23.54
C THR A 61 -35.28 -19.56 -22.08
N THR A 62 -36.22 -19.08 -21.27
CA THR A 62 -35.91 -18.75 -19.91
C THR A 62 -35.57 -19.97 -19.05
N VAL A 63 -36.36 -21.02 -19.17
CA VAL A 63 -36.06 -22.28 -18.49
C VAL A 63 -34.68 -22.78 -18.90
N ALA A 64 -34.41 -22.80 -20.21
CA ALA A 64 -33.12 -23.27 -20.71
C ALA A 64 -31.98 -22.45 -20.09
N ALA A 65 -32.07 -21.13 -20.23
CA ALA A 65 -31.06 -20.25 -19.69
C ALA A 65 -30.77 -20.56 -18.22
N LEU A 66 -31.83 -20.47 -17.41
CA LEU A 66 -31.73 -20.61 -15.96
C LEU A 66 -31.07 -21.93 -15.54
N SER A 67 -31.51 -23.01 -16.18
CA SER A 67 -31.03 -24.34 -15.88
C SER A 67 -29.54 -24.41 -16.17
N ALA A 68 -29.14 -23.89 -17.33
CA ALA A 68 -27.71 -23.88 -17.70
C ALA A 68 -26.93 -23.21 -16.59
N VAL A 69 -27.39 -22.05 -16.13
CA VAL A 69 -26.71 -21.31 -15.05
C VAL A 69 -26.70 -22.11 -13.75
N LEU A 70 -27.85 -22.64 -13.37
CA LEU A 70 -27.94 -23.42 -12.16
C LEU A 70 -27.02 -24.62 -12.21
N PHE A 71 -27.03 -25.34 -13.32
CA PHE A 71 -26.15 -26.48 -13.47
C PHE A 71 -24.71 -26.10 -13.25
N ARG A 72 -24.31 -24.97 -13.83
CA ARG A 72 -22.94 -24.48 -13.68
C ARG A 72 -22.62 -24.30 -12.21
N LYS A 73 -23.51 -23.61 -11.48
CA LYS A 73 -23.29 -23.34 -10.07
C LYS A 73 -23.25 -24.62 -9.23
N LEU A 74 -24.20 -25.52 -9.46
CA LEU A 74 -24.33 -26.70 -8.60
C LEU A 74 -23.29 -27.75 -8.91
N ALA A 75 -22.83 -27.79 -10.16
CA ALA A 75 -21.88 -28.80 -10.60
C ALA A 75 -20.52 -28.61 -9.95
N LEU A 76 -20.19 -27.38 -9.57
CA LEU A 76 -18.99 -27.08 -8.77
C LEU A 76 -19.15 -27.66 -7.38
N LYS A 77 -20.20 -27.21 -6.71
CA LYS A 77 -20.47 -27.57 -5.32
C LYS A 77 -20.61 -29.08 -5.09
N ALA A 78 -21.04 -29.85 -6.09
CA ALA A 78 -21.36 -31.27 -5.90
C ALA A 78 -20.27 -32.09 -5.17
N PRO A 79 -19.03 -32.13 -5.70
CA PRO A 79 -18.65 -31.61 -6.99
C PRO A 79 -18.64 -32.71 -8.06
N ILE A 80 -18.30 -32.27 -9.29
CA ILE A 80 -18.56 -33.11 -10.46
C ILE A 80 -17.84 -34.45 -10.30
N THR A 81 -16.83 -34.45 -9.44
CA THR A 81 -15.96 -35.59 -9.22
C THR A 81 -16.65 -36.77 -8.54
N HIS A 82 -17.60 -36.48 -7.66
CA HIS A 82 -18.33 -37.53 -6.92
C HIS A 82 -19.63 -37.97 -7.61
N ILE A 83 -19.77 -37.63 -8.89
CA ILE A 83 -20.93 -38.06 -9.68
C ILE A 83 -20.59 -39.41 -10.33
N ARG A 84 -21.54 -40.35 -10.33
CA ARG A 84 -21.35 -41.67 -10.94
C ARG A 84 -20.97 -41.55 -12.44
N LYS A 85 -20.13 -42.47 -12.92
CA LYS A 85 -19.63 -42.44 -14.29
C LYS A 85 -20.73 -42.48 -15.36
N GLU A 86 -21.69 -43.40 -15.18
CA GLU A 86 -22.81 -43.55 -16.10
C GLU A 86 -23.57 -42.23 -16.29
N VAL A 87 -23.62 -41.43 -15.23
CA VAL A 87 -24.42 -40.21 -15.19
C VAL A 87 -23.65 -38.99 -15.71
N LEU A 88 -22.39 -38.86 -15.29
CA LEU A 88 -21.50 -37.92 -15.95
C LEU A 88 -21.62 -38.07 -17.47
N ALA A 89 -21.44 -39.27 -17.97
CA ALA A 89 -21.46 -39.54 -19.41
C ALA A 89 -22.77 -39.07 -20.07
N GLN A 90 -23.89 -39.33 -19.40
CA GLN A 90 -25.22 -38.99 -19.94
C GLN A 90 -25.41 -37.47 -19.94
N ILE A 91 -24.98 -36.85 -18.86
CA ILE A 91 -24.99 -35.40 -18.72
C ILE A 91 -24.13 -34.76 -19.82
N ARG A 92 -22.88 -35.23 -19.93
CA ARG A 92 -21.99 -34.81 -20.99
C ARG A 92 -22.64 -34.92 -22.36
N SER A 93 -23.23 -36.06 -22.65
CA SER A 93 -23.75 -36.31 -24.00
C SER A 93 -24.94 -35.43 -24.34
N SER A 94 -25.73 -35.07 -23.33
CA SER A 94 -26.90 -34.26 -23.60
C SER A 94 -26.53 -32.78 -23.71
N LEU A 95 -25.59 -32.38 -22.85
CA LEU A 95 -25.03 -31.04 -22.93
C LEU A 95 -24.48 -30.82 -24.33
N LEU A 96 -23.68 -31.78 -24.80
CA LEU A 96 -23.04 -31.70 -26.10
C LEU A 96 -24.07 -31.67 -27.22
N LYS A 97 -25.09 -32.53 -27.15
CA LYS A 97 -26.11 -32.55 -28.19
C LYS A 97 -26.85 -31.21 -28.20
N GLY A 98 -27.11 -30.66 -27.03
CA GLY A 98 -27.75 -29.34 -26.98
C GLY A 98 -26.90 -28.26 -27.66
N PHE A 99 -25.60 -28.27 -27.38
CA PHE A 99 -24.64 -27.32 -27.93
C PHE A 99 -24.66 -27.36 -29.46
N LEU A 100 -24.75 -28.58 -30.02
CA LEU A 100 -24.66 -28.78 -31.47
C LEU A 100 -26.01 -28.61 -32.18
N SER A 101 -27.06 -28.47 -31.38
CA SER A 101 -28.39 -28.26 -31.90
C SER A 101 -28.58 -26.78 -32.18
N GLU A 102 -29.80 -26.39 -32.52
CA GLU A 102 -30.11 -25.00 -32.78
C GLU A 102 -30.53 -24.25 -31.51
N ARG A 103 -29.65 -23.40 -30.99
CA ARG A 103 -29.93 -22.64 -29.77
C ARG A 103 -29.66 -21.16 -29.97
N ALA A 104 -30.34 -20.33 -29.19
CA ALA A 104 -30.08 -18.89 -29.15
C ALA A 104 -28.67 -18.69 -28.64
N ASP A 105 -28.03 -17.60 -29.10
CA ASP A 105 -26.65 -17.27 -28.77
C ASP A 105 -26.36 -17.36 -27.27
N SER A 106 -27.15 -16.63 -26.49
CA SER A 106 -26.89 -16.55 -25.06
C SER A 106 -27.06 -17.92 -24.38
N ILE A 107 -27.93 -18.77 -24.91
CA ILE A 107 -28.06 -20.14 -24.38
C ILE A 107 -26.83 -20.99 -24.76
N ARG A 108 -26.32 -20.83 -26.00
CA ARG A 108 -25.12 -21.57 -26.36
C ARG A 108 -23.97 -21.13 -25.45
N HIS A 109 -23.95 -19.84 -25.10
CA HIS A 109 -22.94 -19.36 -24.19
C HIS A 109 -23.02 -20.09 -22.86
N LYS A 110 -24.24 -20.15 -22.32
CA LYS A 110 -24.46 -20.80 -21.04
C LYS A 110 -24.26 -22.32 -21.10
N LEU A 111 -24.56 -22.93 -22.24
CA LEU A 111 -24.27 -24.34 -22.42
C LEU A 111 -22.75 -24.58 -22.37
N SER A 112 -22.01 -23.68 -23.04
CA SER A 112 -20.56 -23.75 -23.09
C SER A 112 -20.04 -23.68 -21.68
N ASP A 113 -20.63 -22.82 -20.87
CA ASP A 113 -20.16 -22.65 -19.50
C ASP A 113 -20.46 -23.91 -18.68
N ALA A 114 -21.59 -24.57 -19.00
CA ALA A 114 -22.01 -25.77 -18.30
C ALA A 114 -21.07 -26.92 -18.69
N ILE A 115 -20.82 -27.05 -19.98
CA ILE A 115 -19.90 -28.05 -20.52
C ILE A 115 -18.54 -27.99 -19.83
N ALA A 116 -18.04 -26.77 -19.65
CA ALA A 116 -16.77 -26.53 -19.01
C ALA A 116 -16.70 -27.13 -17.60
N GLU A 117 -17.80 -27.07 -16.84
CA GLU A 117 -17.83 -27.69 -15.52
C GLU A 117 -17.67 -29.22 -15.58
N CYS A 118 -17.84 -29.80 -16.76
CA CYS A 118 -17.73 -31.24 -16.95
C CYS A 118 -16.37 -31.67 -17.51
N VAL A 119 -15.38 -30.79 -17.48
CA VAL A 119 -14.00 -31.12 -17.89
C VAL A 119 -12.99 -30.77 -16.79
N GLN A 120 -12.17 -31.75 -16.43
CA GLN A 120 -11.45 -31.77 -15.15
C GLN A 120 -10.28 -32.77 -15.22
N ASP A 121 -9.17 -32.43 -14.56
CA ASP A 121 -8.01 -33.35 -14.47
C ASP A 121 -8.35 -34.78 -14.05
N ASP A 122 -9.19 -34.91 -13.01
CA ASP A 122 -9.58 -36.21 -12.46
C ASP A 122 -10.76 -36.90 -13.19
N LEU A 123 -11.46 -36.14 -14.02
CA LEU A 123 -12.59 -36.65 -14.77
C LEU A 123 -12.13 -37.43 -16.00
N PRO A 124 -12.83 -38.53 -16.35
CA PRO A 124 -12.58 -39.30 -17.57
C PRO A 124 -12.53 -38.45 -18.82
N ALA A 125 -11.75 -38.89 -19.81
CA ALA A 125 -11.56 -38.16 -21.05
C ALA A 125 -12.90 -38.02 -21.76
N TRP A 126 -13.06 -36.90 -22.45
CA TRP A 126 -14.29 -36.65 -23.16
C TRP A 126 -13.88 -36.30 -24.56
N PRO A 127 -13.56 -37.32 -25.36
CA PRO A 127 -13.03 -37.01 -26.67
C PRO A 127 -14.11 -36.57 -27.67
N GLU A 128 -15.39 -36.73 -27.33
CA GLU A 128 -16.48 -36.26 -28.19
C GLU A 128 -16.56 -34.73 -28.17
N LEU A 129 -16.16 -34.14 -27.05
CA LEU A 129 -16.08 -32.69 -26.91
C LEU A 129 -15.02 -32.16 -27.82
N LEU A 130 -13.80 -32.68 -27.66
CA LEU A 130 -12.68 -32.34 -28.53
C LEU A 130 -13.15 -32.34 -29.97
N GLN A 131 -13.80 -33.42 -30.39
CA GLN A 131 -14.22 -33.50 -31.77
C GLN A 131 -15.26 -32.44 -32.10
N ALA A 132 -16.22 -32.23 -31.19
CA ALA A 132 -17.22 -31.20 -31.39
C ALA A 132 -16.61 -29.81 -31.53
N LEU A 133 -15.61 -29.50 -30.71
CA LEU A 133 -14.98 -28.18 -30.70
C LEU A 133 -14.29 -27.92 -32.04
N ILE A 134 -13.48 -28.89 -32.48
CA ILE A 134 -12.72 -28.74 -33.72
C ILE A 134 -13.65 -28.46 -34.90
N GLU A 135 -14.72 -29.24 -34.98
CA GLU A 135 -15.66 -29.06 -36.06
C GLU A 135 -16.44 -27.77 -35.93
N SER A 136 -16.82 -27.40 -34.70
CA SER A 136 -17.56 -26.15 -34.49
C SER A 136 -16.73 -24.93 -34.88
N LEU A 137 -15.43 -24.98 -34.57
CA LEU A 137 -14.54 -23.91 -34.95
C LEU A 137 -14.57 -23.66 -36.46
N LYS A 138 -14.82 -24.72 -37.25
CA LYS A 138 -14.88 -24.58 -38.71
C LYS A 138 -16.32 -24.31 -39.25
N SER A 139 -17.34 -24.46 -38.40
CA SER A 139 -18.70 -24.01 -38.75
C SER A 139 -18.80 -22.61 -39.37
N GLY A 140 -19.79 -22.44 -40.23
CA GLY A 140 -20.07 -21.16 -40.86
C GLY A 140 -20.90 -20.26 -39.97
N ASN A 141 -21.31 -20.78 -38.81
CA ASN A 141 -22.02 -19.99 -37.83
C ASN A 141 -21.09 -19.36 -36.77
N PRO A 142 -20.99 -18.01 -36.78
CA PRO A 142 -20.08 -17.33 -35.87
C PRO A 142 -20.27 -17.79 -34.43
N ASN A 143 -21.53 -17.95 -34.01
CA ASN A 143 -21.83 -18.25 -32.62
C ASN A 143 -21.22 -19.57 -32.17
N PHE A 144 -21.10 -20.51 -33.11
CA PHE A 144 -20.45 -21.79 -32.87
C PHE A 144 -18.95 -21.63 -32.69
N ARG A 145 -18.38 -20.75 -33.52
CA ARG A 145 -16.95 -20.49 -33.49
C ARG A 145 -16.61 -19.75 -32.19
N GLU A 146 -17.36 -18.70 -31.93
CA GLU A 146 -17.17 -17.91 -30.75
C GLU A 146 -17.30 -18.77 -29.49
N SER A 147 -18.31 -19.63 -29.47
CA SER A 147 -18.61 -20.44 -28.30
C SER A 147 -17.53 -21.48 -28.03
N SER A 148 -16.94 -21.99 -29.11
CA SER A 148 -15.87 -22.90 -28.93
C SER A 148 -14.63 -22.22 -28.29
N PHE A 149 -14.25 -21.01 -28.74
CA PHE A 149 -13.11 -20.33 -28.11
C PHE A 149 -13.47 -20.03 -26.64
N ARG A 150 -14.74 -19.73 -26.39
CA ARG A 150 -15.16 -19.48 -25.03
C ARG A 150 -14.90 -20.71 -24.11
N ILE A 151 -15.18 -21.91 -24.62
CA ILE A 151 -14.91 -23.12 -23.87
C ILE A 151 -13.41 -23.26 -23.68
N LEU A 152 -12.59 -23.02 -24.71
CA LEU A 152 -11.13 -23.03 -24.54
C LEU A 152 -10.65 -21.97 -23.58
N THR A 153 -11.43 -20.90 -23.38
CA THR A 153 -11.10 -19.92 -22.36
C THR A 153 -11.38 -20.45 -20.95
N THR A 154 -12.55 -21.05 -20.75
CA THR A 154 -12.89 -21.60 -19.43
C THR A 154 -12.00 -22.79 -19.12
N VAL A 155 -11.70 -23.62 -20.11
CA VAL A 155 -10.89 -24.84 -19.94
C VAL A 155 -9.64 -24.85 -20.83
N PRO A 156 -8.65 -24.01 -20.50
CA PRO A 156 -7.50 -23.93 -21.36
C PRO A 156 -6.74 -25.26 -21.50
N TYR A 157 -6.86 -26.18 -20.54
CA TYR A 157 -6.23 -27.51 -20.71
C TYR A 157 -6.58 -28.26 -22.00
N LEU A 158 -7.78 -28.06 -22.50
CA LEU A 158 -8.19 -28.61 -23.79
C LEU A 158 -7.24 -28.17 -24.92
N ILE A 159 -6.59 -27.03 -24.73
CA ILE A 159 -5.68 -26.55 -25.77
C ILE A 159 -4.49 -27.49 -25.86
N THR A 160 -4.06 -28.02 -24.71
CA THR A 160 -2.97 -28.98 -24.62
C THR A 160 -3.31 -30.34 -25.24
N ALA A 161 -4.61 -30.63 -25.35
CA ALA A 161 -5.13 -31.95 -25.75
C ALA A 161 -5.28 -32.11 -27.23
N VAL A 162 -5.45 -31.01 -27.92
CA VAL A 162 -5.56 -30.99 -29.36
C VAL A 162 -4.15 -31.08 -29.91
N ASP A 163 -3.99 -31.68 -31.09
CA ASP A 163 -2.68 -31.69 -31.74
C ASP A 163 -2.17 -30.27 -32.00
N ILE A 164 -0.90 -30.05 -31.69
CA ILE A 164 -0.32 -28.70 -31.85
C ILE A 164 -0.52 -28.10 -33.25
N ASN A 165 -0.43 -28.92 -34.29
CA ASN A 165 -0.63 -28.48 -35.67
C ASN A 165 -2.09 -28.25 -36.07
N SER A 166 -3.00 -28.51 -35.16
CA SER A 166 -4.40 -28.16 -35.38
C SER A 166 -4.73 -26.91 -34.58
N ILE A 167 -4.20 -26.87 -33.36
CA ILE A 167 -4.56 -25.80 -32.46
C ILE A 167 -3.96 -24.46 -32.94
N LEU A 168 -2.76 -24.50 -33.53
CA LEU A 168 -2.11 -23.30 -34.03
C LEU A 168 -2.94 -22.61 -35.11
N PRO A 169 -3.29 -23.33 -36.19
CA PRO A 169 -4.09 -22.66 -37.20
C PRO A 169 -5.49 -22.29 -36.73
N ILE A 170 -5.99 -22.99 -35.70
CA ILE A 170 -7.26 -22.63 -35.10
C ILE A 170 -7.22 -21.19 -34.61
N PHE A 171 -6.20 -20.87 -33.80
CA PHE A 171 -6.06 -19.52 -33.31
C PHE A 171 -5.75 -18.49 -34.39
N GLN A 172 -4.92 -18.84 -35.36
CA GLN A 172 -4.56 -17.94 -36.46
C GLN A 172 -5.75 -17.58 -37.35
N SER A 173 -6.62 -18.56 -37.57
CA SER A 173 -7.87 -18.35 -38.23
C SER A 173 -8.74 -17.48 -37.33
N GLY A 174 -8.74 -17.81 -36.05
CA GLY A 174 -9.46 -17.04 -35.06
C GLY A 174 -9.15 -15.56 -35.10
N PHE A 175 -7.86 -15.19 -35.13
CA PHE A 175 -7.44 -13.76 -35.04
C PHE A 175 -7.91 -12.92 -36.22
N THR A 176 -8.28 -13.61 -37.28
CA THR A 176 -8.39 -13.12 -38.62
C THR A 176 -9.81 -13.30 -39.12
N ASP A 177 -10.64 -13.97 -38.32
CA ASP A 177 -12.04 -14.22 -38.62
C ASP A 177 -12.83 -12.96 -39.03
N ALA A 178 -13.72 -13.13 -40.00
CA ALA A 178 -14.69 -12.12 -40.44
C ALA A 178 -15.54 -11.53 -39.31
N SER A 179 -15.87 -12.32 -38.32
CA SER A 179 -16.68 -11.86 -37.20
C SER A 179 -15.84 -11.26 -36.08
N ASP A 180 -16.20 -10.06 -35.71
CA ASP A 180 -15.56 -9.40 -34.55
C ASP A 180 -15.65 -10.23 -33.31
N ASN A 181 -16.83 -10.80 -33.07
CA ASN A 181 -17.07 -11.59 -31.89
C ASN A 181 -16.09 -12.72 -31.80
N VAL A 182 -15.84 -13.36 -32.94
CA VAL A 182 -14.99 -14.53 -32.96
C VAL A 182 -13.57 -14.09 -32.66
N LYS A 183 -13.15 -12.98 -33.27
CA LYS A 183 -11.82 -12.45 -33.01
C LYS A 183 -11.63 -12.19 -31.52
N ILE A 184 -12.57 -11.47 -30.90
CA ILE A 184 -12.45 -11.13 -29.51
C ILE A 184 -12.33 -12.41 -28.67
N ALA A 185 -13.09 -13.44 -29.03
CA ALA A 185 -13.07 -14.69 -28.28
C ALA A 185 -11.75 -15.44 -28.52
N ALA A 186 -11.25 -15.39 -29.77
CA ALA A 186 -9.95 -16.01 -30.04
C ALA A 186 -8.85 -15.35 -29.18
N VAL A 187 -8.87 -14.04 -29.14
CA VAL A 187 -7.89 -13.28 -28.38
C VAL A 187 -8.07 -13.61 -26.91
N THR A 188 -9.32 -13.66 -26.46
CA THR A 188 -9.58 -13.99 -25.06
C THR A 188 -9.06 -15.38 -24.71
N ALA A 189 -9.31 -16.35 -25.59
CA ALA A 189 -8.87 -17.73 -25.36
C ALA A 189 -7.34 -17.84 -25.36
N PHE A 190 -6.73 -17.07 -26.26
CA PHE A 190 -5.29 -17.07 -26.41
C PHE A 190 -4.67 -16.54 -25.15
N VAL A 191 -5.14 -15.41 -24.64
CA VAL A 191 -4.59 -14.89 -23.37
C VAL A 191 -4.93 -15.78 -22.18
N GLY A 192 -6.13 -16.32 -22.17
CA GLY A 192 -6.57 -17.21 -21.08
C GLY A 192 -5.65 -18.40 -20.86
N TYR A 193 -5.04 -18.86 -21.95
CA TYR A 193 -4.09 -19.95 -21.89
C TYR A 193 -2.92 -19.58 -21.00
N PHE A 194 -2.39 -18.38 -21.16
CA PHE A 194 -1.24 -17.96 -20.39
C PHE A 194 -1.68 -17.69 -18.97
N LYS A 195 -2.95 -17.31 -18.83
CA LYS A 195 -3.50 -17.03 -17.51
C LYS A 195 -3.50 -18.24 -16.60
N GLN A 196 -3.67 -19.41 -17.18
CA GLN A 196 -4.13 -20.56 -16.46
C GLN A 196 -3.08 -21.66 -16.39
N LEU A 197 -2.18 -21.70 -17.37
CA LEU A 197 -1.23 -22.79 -17.51
C LEU A 197 0.15 -22.46 -16.94
N PRO A 198 0.95 -23.49 -16.59
CA PRO A 198 2.30 -23.18 -16.12
C PRO A 198 3.15 -22.55 -17.22
N LYS A 199 4.14 -21.76 -16.84
CA LYS A 199 5.04 -21.09 -17.81
C LYS A 199 5.74 -22.08 -18.73
N SER A 200 6.00 -23.29 -18.22
CA SER A 200 6.66 -24.33 -19.02
C SER A 200 5.79 -24.72 -20.21
N GLU A 201 4.53 -24.30 -20.21
CA GLU A 201 3.64 -24.57 -21.35
C GLU A 201 3.53 -23.38 -22.30
N TRP A 202 4.10 -22.25 -21.92
CA TRP A 202 3.85 -21.00 -22.63
C TRP A 202 4.46 -20.98 -24.02
N SER A 203 5.61 -21.61 -24.18
CA SER A 203 6.40 -21.49 -25.42
C SER A 203 5.70 -22.15 -26.59
N LYS A 204 4.57 -22.74 -26.31
CA LYS A 204 3.93 -23.61 -27.26
C LYS A 204 2.91 -22.82 -28.05
N LEU A 205 2.39 -21.77 -27.42
CA LEU A 205 1.50 -20.83 -28.04
C LEU A 205 2.15 -19.44 -28.22
N GLY A 206 3.22 -19.18 -27.49
CA GLY A 206 3.84 -17.87 -27.57
C GLY A 206 4.11 -17.46 -29.00
N ILE A 207 4.51 -18.44 -29.81
CA ILE A 207 4.89 -18.16 -31.17
C ILE A 207 3.73 -17.56 -31.99
N LEU A 208 2.53 -17.55 -31.44
CA LEU A 208 1.39 -16.98 -32.14
C LEU A 208 1.27 -15.46 -31.99
N LEU A 209 2.06 -14.89 -31.07
CA LEU A 209 1.93 -13.45 -30.84
C LEU A 209 1.99 -12.60 -32.14
N PRO A 210 2.99 -12.86 -33.04
CA PRO A 210 3.04 -12.00 -34.22
C PRO A 210 1.80 -12.06 -35.11
N SER A 211 1.17 -13.23 -35.25
CA SER A 211 -0.08 -13.33 -36.01
C SER A 211 -1.11 -12.45 -35.40
N LEU A 212 -1.22 -12.49 -34.07
CA LEU A 212 -2.14 -11.65 -33.35
C LEU A 212 -1.85 -10.17 -33.61
N LEU A 213 -0.62 -9.75 -33.38
CA LEU A 213 -0.28 -8.33 -33.54
C LEU A 213 -0.55 -7.89 -34.97
N ASN A 214 -0.17 -8.74 -35.94
CA ASN A 214 -0.37 -8.43 -37.36
C ASN A 214 -1.83 -8.32 -37.75
N SER A 215 -2.72 -8.91 -36.97
CA SER A 215 -4.15 -8.85 -37.28
C SER A 215 -4.78 -7.52 -36.85
N LEU A 216 -4.07 -6.77 -36.03
CA LEU A 216 -4.68 -5.59 -35.43
C LEU A 216 -5.02 -4.42 -36.37
N PRO A 217 -4.19 -4.14 -37.41
CA PRO A 217 -4.56 -3.02 -38.30
C PRO A 217 -5.87 -3.21 -39.04
N ARG A 218 -6.34 -4.45 -39.14
CA ARG A 218 -7.63 -4.70 -39.72
C ARG A 218 -8.78 -4.02 -38.98
N PHE A 219 -8.69 -3.96 -37.65
CA PHE A 219 -9.73 -3.29 -36.90
C PHE A 219 -9.88 -1.82 -37.31
N LEU A 220 -8.77 -1.13 -37.58
CA LEU A 220 -8.87 0.27 -37.99
C LEU A 220 -9.40 0.45 -39.41
N ASP A 221 -9.14 -0.52 -40.30
CA ASP A 221 -9.57 -0.44 -41.71
C ASP A 221 -11.08 -0.49 -41.79
N ASP A 222 -11.65 -1.47 -41.11
CA ASP A 222 -13.08 -1.65 -41.05
C ASP A 222 -13.78 -0.63 -40.14
N GLY A 223 -13.02 0.19 -39.41
CA GLY A 223 -13.61 1.08 -38.39
C GLY A 223 -14.30 0.36 -37.24
N LYS A 224 -13.63 -0.63 -36.66
CA LYS A 224 -14.19 -1.46 -35.58
C LYS A 224 -13.50 -1.24 -34.23
N ASP A 225 -13.64 -0.02 -33.72
CA ASP A 225 -12.84 0.42 -32.58
C ASP A 225 -13.28 -0.11 -31.23
N ASP A 226 -14.58 -0.33 -31.06
CA ASP A 226 -15.13 -0.99 -29.87
C ASP A 226 -14.53 -2.39 -29.68
N ALA A 227 -14.43 -3.14 -30.78
CA ALA A 227 -13.85 -4.46 -30.76
C ALA A 227 -12.35 -4.35 -30.53
N LEU A 228 -11.74 -3.28 -31.06
CA LEU A 228 -10.34 -3.01 -30.80
C LEU A 228 -10.11 -2.85 -29.33
N ALA A 229 -10.97 -2.09 -28.66
CA ALA A 229 -10.79 -1.84 -27.25
C ALA A 229 -10.75 -3.16 -26.48
N SER A 230 -11.70 -4.07 -26.76
CA SER A 230 -11.73 -5.37 -26.09
C SER A 230 -10.42 -6.14 -26.28
N VAL A 231 -9.90 -6.13 -27.52
CA VAL A 231 -8.65 -6.79 -27.80
C VAL A 231 -7.51 -6.14 -27.00
N PHE A 232 -7.55 -4.81 -26.91
CA PHE A 232 -6.54 -4.12 -26.16
C PHE A 232 -6.62 -4.59 -24.70
N GLU A 233 -7.82 -4.77 -24.18
CA GLU A 233 -7.97 -5.25 -22.78
C GLU A 233 -7.33 -6.65 -22.56
N SER A 234 -7.46 -7.55 -23.54
CA SER A 234 -6.84 -8.85 -23.40
C SER A 234 -5.35 -8.71 -23.43
N LEU A 235 -4.89 -7.83 -24.33
CA LEU A 235 -3.46 -7.61 -24.53
C LEU A 235 -2.84 -7.03 -23.27
N ILE A 236 -3.58 -6.17 -22.58
CA ILE A 236 -3.12 -5.61 -21.33
C ILE A 236 -2.90 -6.71 -20.28
N GLU A 237 -3.79 -7.71 -20.26
CA GLU A 237 -3.60 -8.81 -19.33
C GLU A 237 -2.39 -9.60 -19.73
N LEU A 238 -2.17 -9.80 -21.01
CA LEU A 238 -0.99 -10.55 -21.46
C LEU A 238 0.30 -9.81 -21.15
N VAL A 239 0.29 -8.48 -21.24
CA VAL A 239 1.49 -7.73 -20.89
C VAL A 239 1.89 -7.92 -19.43
N GLU A 240 0.90 -8.04 -18.54
CA GLU A 240 1.15 -8.27 -17.11
C GLU A 240 1.66 -9.65 -16.79
N LEU A 241 1.47 -10.58 -17.74
CA LEU A 241 1.83 -11.97 -17.55
C LEU A 241 3.13 -12.32 -18.23
N ALA A 242 3.32 -11.81 -19.45
CA ALA A 242 4.45 -12.20 -20.27
C ALA A 242 4.97 -11.00 -21.06
N PRO A 243 5.41 -9.95 -20.37
CA PRO A 243 5.83 -8.78 -21.13
C PRO A 243 6.89 -9.07 -22.17
N LYS A 244 7.87 -9.92 -21.84
CA LYS A 244 9.01 -10.13 -22.74
C LYS A 244 8.61 -10.78 -24.05
N LEU A 245 7.47 -11.45 -24.09
CA LEU A 245 6.97 -12.02 -25.34
C LEU A 245 6.82 -10.92 -26.38
N PHE A 246 6.71 -9.68 -25.94
CA PHE A 246 6.45 -8.55 -26.83
C PHE A 246 7.75 -7.94 -27.34
N LYS A 247 8.90 -8.33 -26.77
CA LYS A 247 10.22 -7.75 -27.09
C LYS A 247 10.47 -7.55 -28.56
N ASP A 248 10.35 -8.61 -29.36
CA ASP A 248 10.75 -8.50 -30.76
C ASP A 248 9.89 -7.60 -31.59
N MET A 249 8.65 -7.38 -31.17
CA MET A 249 7.73 -6.62 -31.99
C MET A 249 7.30 -5.36 -31.26
N PHE A 250 8.10 -5.02 -30.25
CA PHE A 250 7.87 -3.90 -29.36
C PHE A 250 7.60 -2.62 -30.15
N ASP A 251 8.46 -2.30 -31.10
CA ASP A 251 8.27 -1.08 -31.87
C ASP A 251 6.99 -1.11 -32.62
N GLN A 252 6.60 -2.26 -33.10
CA GLN A 252 5.35 -2.29 -33.85
C GLN A 252 4.14 -2.00 -32.95
N ILE A 253 4.11 -2.54 -31.74
CA ILE A 253 2.96 -2.27 -30.88
C ILE A 253 2.93 -0.83 -30.35
N ILE A 254 4.10 -0.29 -30.03
CA ILE A 254 4.26 1.13 -29.71
C ILE A 254 3.72 2.05 -30.79
N GLN A 255 4.18 1.82 -32.02
CA GLN A 255 3.74 2.61 -33.14
C GLN A 255 2.24 2.44 -33.38
N PHE A 256 1.72 1.24 -33.14
CA PHE A 256 0.31 0.99 -33.33
C PHE A 256 -0.54 1.74 -32.33
N THR A 257 -0.16 1.68 -31.07
CA THR A 257 -0.94 2.40 -30.07
C THR A 257 -0.88 3.92 -30.37
N ASP A 258 0.29 4.40 -30.75
CA ASP A 258 0.44 5.76 -31.21
C ASP A 258 -0.60 6.10 -32.31
N MET A 259 -0.64 5.30 -33.36
CA MET A 259 -1.54 5.53 -34.46
C MET A 259 -3.02 5.60 -34.07
N VAL A 260 -3.44 4.73 -33.15
CA VAL A 260 -4.80 4.73 -32.66
C VAL A 260 -5.15 5.98 -31.89
N ILE A 261 -4.29 6.37 -30.95
CA ILE A 261 -4.56 7.48 -30.06
C ILE A 261 -4.68 8.80 -30.82
N LYS A 262 -3.86 8.97 -31.85
CA LYS A 262 -3.83 10.17 -32.67
C LYS A 262 -5.07 10.33 -33.55
N ASN A 263 -5.69 9.21 -33.91
CA ASN A 263 -6.86 9.21 -34.76
C ASN A 263 -8.02 9.65 -33.88
N LYS A 264 -8.26 10.96 -33.85
CA LYS A 264 -9.19 11.47 -32.84
C LYS A 264 -10.61 11.66 -33.38
N ASP A 265 -10.91 10.86 -34.40
CA ASP A 265 -12.29 10.63 -34.88
C ASP A 265 -12.78 9.29 -34.27
N LEU A 266 -11.89 8.59 -33.59
CA LEU A 266 -12.22 7.34 -32.93
C LEU A 266 -12.94 7.67 -31.64
N GLU A 267 -13.76 6.77 -31.15
CA GLU A 267 -14.40 7.02 -29.86
C GLU A 267 -13.40 6.75 -28.74
N PRO A 268 -13.68 7.29 -27.55
CA PRO A 268 -12.70 7.21 -26.46
C PRO A 268 -12.18 5.82 -26.06
N PRO A 269 -13.06 4.78 -26.04
CA PRO A 269 -12.57 3.47 -25.49
C PRO A 269 -11.33 2.84 -26.16
N ALA A 270 -11.31 2.86 -27.49
CA ALA A 270 -10.15 2.41 -28.24
C ALA A 270 -8.91 3.21 -27.86
N ARG A 271 -9.09 4.49 -27.58
CA ARG A 271 -7.96 5.37 -27.38
C ARG A 271 -7.51 5.29 -25.94
N THR A 272 -8.43 5.19 -25.00
CA THR A 272 -8.01 5.03 -23.62
C THR A 272 -7.37 3.63 -23.37
N THR A 273 -7.91 2.59 -23.97
CA THR A 273 -7.30 1.28 -23.79
C THR A 273 -5.94 1.17 -24.51
N ALA A 274 -5.83 1.80 -25.68
CA ALA A 274 -4.53 1.82 -26.31
C ALA A 274 -3.47 2.52 -25.40
N LEU A 275 -3.84 3.63 -24.78
CA LEU A 275 -2.95 4.32 -23.86
C LEU A 275 -2.55 3.39 -22.70
N GLU A 276 -3.55 2.70 -22.16
CA GLU A 276 -3.33 1.76 -21.06
C GLU A 276 -2.34 0.67 -21.43
N LEU A 277 -2.51 0.08 -22.63
CA LEU A 277 -1.57 -0.88 -23.19
C LEU A 277 -0.20 -0.26 -23.15
N LEU A 278 0.00 0.93 -23.70
CA LEU A 278 1.31 1.53 -23.66
C LEU A 278 1.85 1.69 -22.23
N THR A 279 1.00 2.21 -21.34
CA THR A 279 1.40 2.51 -19.98
C THR A 279 1.88 1.27 -19.19
N VAL A 280 1.18 0.16 -19.38
CA VAL A 280 1.36 -1.04 -18.62
C VAL A 280 2.71 -1.73 -18.92
N PHE A 281 3.30 -1.45 -20.09
CA PHE A 281 4.67 -1.95 -20.31
C PHE A 281 5.66 -1.36 -19.29
N SER A 282 5.44 -0.08 -18.93
CA SER A 282 6.35 0.52 -17.98
C SER A 282 6.24 -0.13 -16.60
N GLU A 283 5.08 -0.67 -16.30
CA GLU A 283 4.86 -1.28 -14.99
C GLU A 283 5.31 -2.74 -14.90
N ASN A 284 5.54 -3.39 -16.04
CA ASN A 284 5.85 -4.83 -16.06
C ASN A 284 7.18 -5.19 -16.74
N ALA A 285 7.67 -4.28 -17.57
CA ALA A 285 8.96 -4.46 -18.20
C ALA A 285 9.66 -3.09 -18.26
N PRO A 286 10.15 -2.63 -17.09
CA PRO A 286 10.77 -1.29 -17.10
C PRO A 286 12.07 -1.24 -17.88
N GLN A 287 12.89 -2.30 -17.80
CA GLN A 287 14.17 -2.32 -18.50
C GLN A 287 13.97 -2.27 -20.02
N MET A 288 12.96 -3.02 -20.46
CA MET A 288 12.53 -3.01 -21.85
C MET A 288 12.13 -1.61 -22.30
N CYS A 289 11.36 -0.90 -21.49
CA CYS A 289 10.94 0.45 -21.90
C CYS A 289 12.13 1.38 -22.02
N LYS A 290 13.01 1.29 -21.02
CA LYS A 290 14.18 2.14 -20.88
C LYS A 290 15.21 1.85 -21.96
N SER A 291 15.26 0.62 -22.44
CA SER A 291 16.24 0.30 -23.48
C SER A 291 15.77 0.72 -24.88
N ASN A 292 14.62 1.40 -24.96
CA ASN A 292 14.05 1.79 -26.24
C ASN A 292 13.58 3.24 -26.25
N GLN A 293 14.37 4.17 -26.79
CA GLN A 293 14.03 5.60 -26.70
C GLN A 293 12.67 5.94 -27.33
N ASN A 294 12.24 5.08 -28.24
CA ASN A 294 10.93 5.22 -28.88
C ASN A 294 9.72 5.16 -27.92
N TYR A 295 9.81 4.31 -26.89
CA TYR A 295 8.75 4.15 -25.93
C TYR A 295 8.47 5.46 -25.24
N GLY A 296 9.51 6.00 -24.63
CA GLY A 296 9.36 7.21 -23.84
C GLY A 296 8.82 8.35 -24.68
N GLN A 297 9.27 8.44 -25.93
CA GLN A 297 8.92 9.55 -26.82
C GLN A 297 7.45 9.45 -27.23
N THR A 298 7.04 8.22 -27.55
CA THR A 298 5.67 7.94 -27.92
C THR A 298 4.76 8.23 -26.75
N LEU A 299 5.15 7.74 -25.59
CA LEU A 299 4.33 7.87 -24.39
C LEU A 299 4.08 9.33 -24.00
N VAL A 300 5.13 10.13 -24.01
CA VAL A 300 5.03 11.56 -23.73
C VAL A 300 4.16 12.26 -24.76
N MET A 301 4.43 11.97 -26.02
CA MET A 301 3.75 12.66 -27.10
C MET A 301 2.24 12.39 -27.04
N VAL A 302 1.85 11.13 -26.86
CA VAL A 302 0.41 10.81 -26.85
C VAL A 302 -0.29 11.31 -25.60
N THR A 303 0.34 11.26 -24.44
CA THR A 303 -0.35 11.81 -23.28
C THR A 303 -0.51 13.34 -23.41
N LEU A 304 0.49 14.01 -23.99
CA LEU A 304 0.38 15.47 -24.27
C LEU A 304 -0.77 15.81 -25.22
N ILE A 305 -0.98 14.99 -26.25
CA ILE A 305 -2.09 15.23 -27.15
C ILE A 305 -3.39 15.11 -26.36
N MET A 306 -3.53 14.03 -25.59
CA MET A 306 -4.80 13.77 -24.89
C MET A 306 -5.10 14.78 -23.81
N MET A 307 -4.06 15.34 -23.19
CA MET A 307 -4.23 16.37 -22.15
C MET A 307 -4.83 17.67 -22.67
N THR A 308 -4.83 17.86 -23.99
CA THR A 308 -5.37 19.09 -24.55
C THR A 308 -6.86 18.93 -24.82
N GLU A 309 -7.39 17.74 -24.57
CA GLU A 309 -8.79 17.48 -24.91
C GLU A 309 -9.70 17.91 -23.77
N VAL A 310 -9.82 19.23 -23.62
CA VAL A 310 -10.59 19.85 -22.54
C VAL A 310 -11.42 21.00 -23.08
N SER A 311 -12.54 21.28 -22.40
CA SER A 311 -13.43 22.36 -22.77
C SER A 311 -13.74 22.32 -24.27
N ILE A 312 -13.92 21.14 -24.84
CA ILE A 312 -14.11 21.10 -26.28
C ILE A 312 -15.41 21.85 -26.66
N ASP A 313 -15.37 22.52 -27.80
CA ASP A 313 -16.48 23.35 -28.24
C ASP A 313 -16.79 24.48 -27.28
N ASP A 314 -15.84 24.87 -26.45
CA ASP A 314 -16.12 25.91 -25.47
C ASP A 314 -14.85 26.67 -25.17
N ASP A 315 -14.41 27.48 -26.12
CA ASP A 315 -13.12 28.14 -26.05
C ASP A 315 -12.91 29.08 -24.89
N ASP A 316 -14.00 29.65 -24.37
CA ASP A 316 -13.90 30.61 -23.28
C ASP A 316 -13.91 29.91 -21.96
N ALA A 317 -14.33 28.65 -21.99
CA ALA A 317 -14.37 27.78 -20.81
C ALA A 317 -15.53 28.19 -19.93
N ALA A 318 -16.41 29.03 -20.46
CA ALA A 318 -17.61 29.39 -19.74
C ALA A 318 -18.10 28.26 -18.81
N GLU A 319 -18.33 27.06 -19.35
CA GLU A 319 -18.89 26.01 -18.52
C GLU A 319 -17.98 25.62 -17.36
N TRP A 320 -16.65 25.66 -17.60
CA TRP A 320 -15.63 25.35 -16.59
C TRP A 320 -15.53 26.43 -15.57
N ILE A 321 -15.66 27.68 -16.00
CA ILE A 321 -15.57 28.82 -15.11
C ILE A 321 -16.73 28.82 -14.15
N GLU A 322 -17.86 28.27 -14.61
CA GLU A 322 -19.13 28.36 -13.89
C GLU A 322 -19.34 27.17 -12.95
N SER A 323 -18.45 26.21 -12.97
CA SER A 323 -18.69 25.01 -12.19
C SER A 323 -17.89 24.99 -10.92
N ASP A 324 -18.08 23.98 -10.10
CA ASP A 324 -17.32 23.91 -8.87
C ASP A 324 -15.91 23.34 -9.13
N ASP A 325 -15.13 23.26 -8.06
CA ASP A 325 -13.76 22.84 -8.17
C ASP A 325 -13.61 21.35 -8.15
N THR A 326 -14.50 20.64 -8.83
CA THR A 326 -14.30 19.22 -8.97
C THR A 326 -13.89 18.93 -10.40
N ASP A 327 -13.51 17.69 -10.69
CA ASP A 327 -13.16 17.28 -12.07
C ASP A 327 -14.43 17.09 -12.89
N ASP A 328 -14.36 17.46 -14.17
CA ASP A 328 -15.45 17.29 -15.11
C ASP A 328 -15.39 15.85 -15.62
N GLU A 329 -16.43 15.09 -15.32
CA GLU A 329 -16.41 13.67 -15.63
C GLU A 329 -16.48 13.36 -17.12
N GLU A 330 -16.74 14.39 -17.92
CA GLU A 330 -16.78 14.29 -19.37
C GLU A 330 -15.36 14.39 -19.96
N GLU A 331 -14.39 14.91 -19.20
CA GLU A 331 -13.02 15.02 -19.71
C GLU A 331 -12.20 13.74 -19.48
N VAL A 332 -12.66 12.65 -20.08
CA VAL A 332 -12.14 11.31 -19.80
C VAL A 332 -10.73 11.07 -20.32
N THR A 333 -10.48 11.34 -21.58
CA THR A 333 -9.16 11.11 -22.14
C THR A 333 -8.09 12.00 -21.45
N TYR A 334 -8.47 13.23 -21.08
CA TYR A 334 -7.59 14.11 -20.32
C TYR A 334 -7.21 13.50 -19.01
N ASP A 335 -8.19 12.93 -18.33
CA ASP A 335 -7.91 12.37 -17.02
C ASP A 335 -7.00 11.16 -17.14
N HIS A 336 -7.30 10.33 -18.12
CA HIS A 336 -6.52 9.19 -18.44
C HIS A 336 -5.09 9.48 -18.77
N ALA A 337 -4.88 10.54 -19.58
CA ALA A 337 -3.56 10.98 -19.96
C ALA A 337 -2.73 11.38 -18.74
N ARG A 338 -3.34 12.11 -17.82
CA ARG A 338 -2.61 12.59 -16.68
C ARG A 338 -2.15 11.40 -15.87
N GLN A 339 -3.05 10.46 -15.56
CA GLN A 339 -2.72 9.34 -14.72
C GLN A 339 -1.65 8.48 -15.33
N ALA A 340 -1.71 8.31 -16.65
CA ALA A 340 -0.71 7.51 -17.39
C ALA A 340 0.70 8.11 -17.29
N LEU A 341 0.84 9.40 -17.58
CA LEU A 341 2.14 10.05 -17.49
C LEU A 341 2.69 9.88 -16.08
N ASP A 342 1.85 10.16 -15.09
CA ASP A 342 2.22 9.95 -13.72
C ASP A 342 2.73 8.50 -13.52
N ARG A 343 1.93 7.53 -13.90
CA ARG A 343 2.33 6.13 -13.70
C ARG A 343 3.65 5.76 -14.35
N VAL A 344 3.84 6.16 -15.60
CA VAL A 344 5.11 5.87 -16.24
C VAL A 344 6.27 6.64 -15.59
N ALA A 345 6.08 7.92 -15.26
CA ALA A 345 7.14 8.68 -14.64
C ALA A 345 7.58 7.99 -13.34
N LEU A 346 6.61 7.49 -12.59
CA LEU A 346 6.91 6.89 -11.29
C LEU A 346 7.69 5.59 -11.47
N LYS A 347 7.41 4.87 -12.56
CA LYS A 347 8.16 3.64 -12.87
C LYS A 347 9.52 3.85 -13.48
N LEU A 348 9.65 4.81 -14.38
CA LEU A 348 10.87 4.94 -15.17
C LEU A 348 11.88 6.02 -14.72
N GLY A 349 11.43 7.05 -14.00
CA GLY A 349 12.35 8.08 -13.52
C GLY A 349 12.67 9.15 -14.55
N GLY A 350 13.27 10.24 -14.08
CA GLY A 350 13.53 11.42 -14.88
C GLY A 350 14.69 11.28 -15.83
N GLU A 351 15.72 10.54 -15.42
CA GLU A 351 16.83 10.25 -16.30
C GLU A 351 16.32 10.00 -17.72
N TYR A 352 15.37 9.08 -17.77
CA TYR A 352 14.76 8.64 -19.00
C TYR A 352 13.64 9.57 -19.57
N LEU A 353 12.73 10.11 -18.75
CA LEU A 353 11.70 10.90 -19.37
C LEU A 353 11.83 12.39 -19.43
N ALA A 354 12.70 13.01 -18.64
CA ALA A 354 12.67 14.46 -18.55
C ALA A 354 12.95 15.12 -19.91
N ALA A 355 14.01 14.65 -20.55
CA ALA A 355 14.40 15.15 -21.86
C ALA A 355 13.22 15.15 -22.83
N PRO A 356 12.65 13.96 -23.14
CA PRO A 356 11.54 14.00 -24.11
C PRO A 356 10.39 14.87 -23.64
N LEU A 357 10.12 14.85 -22.33
CA LEU A 357 9.05 15.63 -21.78
C LEU A 357 9.31 17.11 -22.04
N PHE A 358 10.49 17.55 -21.64
CA PHE A 358 10.76 18.96 -21.73
C PHE A 358 10.89 19.47 -23.16
N GLN A 359 11.34 18.61 -24.09
CA GLN A 359 11.41 18.97 -25.51
C GLN A 359 10.08 19.52 -25.97
N TYR A 360 9.03 18.89 -25.49
CA TYR A 360 7.71 19.26 -25.86
C TYR A 360 7.17 20.44 -25.05
N LEU A 361 7.43 20.48 -23.75
CA LEU A 361 6.86 21.52 -22.90
C LEU A 361 7.33 22.91 -23.31
N GLN A 362 8.64 23.02 -23.63
CA GLN A 362 9.26 24.29 -24.01
C GLN A 362 8.43 24.90 -25.13
N GLN A 363 7.97 24.02 -26.00
CA GLN A 363 7.22 24.42 -27.15
C GLN A 363 5.74 24.70 -26.88
N MET A 364 5.09 23.84 -26.09
CA MET A 364 3.68 24.04 -25.79
C MET A 364 3.43 25.28 -24.94
N ILE A 365 4.35 25.61 -24.04
CA ILE A 365 4.19 26.84 -23.26
C ILE A 365 3.98 28.07 -24.17
N THR A 366 4.55 28.03 -25.37
CA THR A 366 4.50 29.18 -26.28
C THR A 366 3.40 29.14 -27.34
N SER A 367 2.66 28.04 -27.47
CA SER A 367 1.56 27.94 -28.43
C SER A 367 0.51 29.02 -28.23
N THR A 368 -0.17 29.42 -29.32
CA THR A 368 -1.30 30.34 -29.15
C THR A 368 -2.58 29.60 -28.78
N GLU A 369 -2.56 28.28 -28.87
CA GLU A 369 -3.71 27.54 -28.47
C GLU A 369 -3.62 27.26 -26.96
N TRP A 370 -4.62 27.79 -26.24
CA TRP A 370 -4.59 27.76 -24.79
C TRP A 370 -4.53 26.34 -24.26
N ARG A 371 -5.30 25.46 -24.91
CA ARG A 371 -5.36 24.06 -24.52
C ARG A 371 -3.97 23.43 -24.39
N GLU A 372 -3.03 23.86 -25.23
CA GLU A 372 -1.67 23.34 -25.17
C GLU A 372 -0.81 23.92 -24.06
N ARG A 373 -1.08 25.16 -23.70
CA ARG A 373 -0.38 25.81 -22.61
C ARG A 373 -0.82 25.23 -21.29
N PHE A 374 -2.11 24.92 -21.19
CA PHE A 374 -2.67 24.19 -20.06
C PHE A 374 -2.06 22.80 -19.99
N ALA A 375 -2.15 22.05 -21.09
CA ALA A 375 -1.65 20.68 -21.15
C ALA A 375 -0.25 20.64 -20.59
N ALA A 376 0.53 21.67 -20.92
CA ALA A 376 1.92 21.72 -20.50
C ALA A 376 2.03 21.70 -18.97
N MET A 377 1.20 22.52 -18.32
CA MET A 377 1.26 22.67 -16.90
C MET A 377 0.77 21.38 -16.20
N MET A 378 -0.30 20.80 -16.70
CA MET A 378 -0.80 19.58 -16.15
C MET A 378 0.17 18.43 -16.38
N ALA A 379 0.85 18.38 -17.51
CA ALA A 379 1.81 17.31 -17.76
C ALA A 379 2.99 17.39 -16.76
N LEU A 380 3.46 18.61 -16.52
CA LEU A 380 4.56 18.83 -15.61
C LEU A 380 4.16 18.36 -14.21
N SER A 381 2.94 18.74 -13.86
CA SER A 381 2.33 18.37 -12.63
C SER A 381 2.30 16.88 -12.47
N SER A 382 1.92 16.15 -13.52
CA SER A 382 1.83 14.67 -13.43
C SER A 382 3.18 14.00 -13.31
N ALA A 383 4.18 14.58 -13.98
CA ALA A 383 5.46 13.95 -14.14
C ALA A 383 6.42 14.31 -13.01
N ALA A 384 6.17 15.41 -12.29
CA ALA A 384 7.21 15.97 -11.44
C ALA A 384 7.62 15.02 -10.33
N GLU A 385 6.69 14.31 -9.72
CA GLU A 385 7.09 13.32 -8.68
C GLU A 385 8.01 12.24 -9.22
N GLY A 386 7.59 11.56 -10.26
CA GLY A 386 8.37 10.47 -10.83
C GLY A 386 9.70 10.93 -11.38
N CYS A 387 9.75 12.16 -11.87
CA CYS A 387 10.96 12.72 -12.45
C CYS A 387 11.75 13.59 -11.44
N ALA A 388 11.38 13.54 -10.16
CA ALA A 388 12.05 14.33 -9.10
C ALA A 388 13.55 14.17 -9.06
N ASP A 389 14.05 12.96 -9.23
CA ASP A 389 15.50 12.67 -9.19
C ASP A 389 16.34 13.62 -10.05
N VAL A 390 15.75 14.13 -11.12
CA VAL A 390 16.42 15.10 -11.96
C VAL A 390 15.88 16.51 -11.71
N LEU A 391 14.55 16.62 -11.64
CA LEU A 391 13.91 17.95 -11.65
C LEU A 391 14.12 18.73 -10.39
N ILE A 392 14.37 18.02 -9.28
CA ILE A 392 14.51 18.63 -7.96
C ILE A 392 15.69 19.60 -7.96
N GLY A 393 16.63 19.34 -8.87
CA GLY A 393 17.79 20.19 -9.02
C GLY A 393 17.66 21.37 -9.97
N GLU A 394 16.56 21.48 -10.72
CA GLU A 394 16.51 22.46 -11.84
C GLU A 394 15.27 23.36 -11.69
N ILE A 395 15.14 23.68 -10.45
CA ILE A 395 13.96 24.23 -9.91
C ILE A 395 13.82 25.72 -10.28
N PRO A 396 14.91 26.51 -10.21
CA PRO A 396 14.75 27.86 -10.79
C PRO A 396 14.33 27.86 -12.26
N LYS A 397 14.92 26.97 -13.06
CA LYS A 397 14.57 26.81 -14.47
C LYS A 397 13.07 26.53 -14.66
N ILE A 398 12.55 25.58 -13.87
CA ILE A 398 11.12 25.24 -13.90
C ILE A 398 10.20 26.45 -13.53
N LEU A 399 10.57 27.19 -12.49
CA LEU A 399 9.73 28.32 -12.14
C LEU A 399 9.82 29.40 -13.22
N ASP A 400 11.00 29.52 -13.86
CA ASP A 400 11.15 30.45 -14.99
C ASP A 400 10.16 30.16 -16.11
N MET A 401 9.85 28.88 -16.35
CA MET A 401 8.81 28.52 -17.34
C MET A 401 7.37 28.77 -16.88
N VAL A 402 7.11 28.38 -15.65
CA VAL A 402 5.76 28.28 -15.18
C VAL A 402 5.25 29.65 -14.77
N ILE A 403 6.03 30.35 -13.95
CA ILE A 403 5.54 31.55 -13.28
C ILE A 403 5.11 32.64 -14.29
N PRO A 404 5.83 32.80 -15.42
CA PRO A 404 5.31 33.73 -16.40
C PRO A 404 3.86 33.49 -16.79
N LEU A 405 3.43 32.24 -16.80
CA LEU A 405 2.06 31.92 -17.26
C LEU A 405 0.95 32.19 -16.26
N ILE A 406 1.34 32.42 -15.00
CA ILE A 406 0.40 32.72 -13.92
C ILE A 406 -0.60 33.82 -14.35
N ASN A 407 -0.18 34.66 -15.29
CA ASN A 407 -1.00 35.77 -15.77
C ASN A 407 -1.52 35.64 -17.18
N ASP A 408 -1.50 34.43 -17.71
CA ASP A 408 -2.01 34.12 -19.04
C ASP A 408 -3.38 34.74 -19.27
N PRO A 409 -3.63 35.22 -20.49
CA PRO A 409 -4.98 35.69 -20.80
C PRO A 409 -6.07 34.68 -20.44
N HIS A 410 -5.81 33.38 -20.63
CA HIS A 410 -6.86 32.39 -20.40
C HIS A 410 -6.90 31.89 -18.95
N PRO A 411 -8.07 31.98 -18.31
CA PRO A 411 -8.11 31.56 -16.88
C PRO A 411 -7.75 30.08 -16.64
N ARG A 412 -8.05 29.18 -17.59
CA ARG A 412 -7.69 27.79 -17.41
C ARG A 412 -6.18 27.57 -17.44
N VAL A 413 -5.45 28.39 -18.20
CA VAL A 413 -3.98 28.29 -18.20
C VAL A 413 -3.46 28.74 -16.85
N GLN A 414 -4.12 29.74 -16.27
CA GLN A 414 -3.73 30.26 -14.98
C GLN A 414 -3.89 29.20 -13.89
N TYR A 415 -5.09 28.57 -13.86
CA TYR A 415 -5.40 27.47 -12.93
C TYR A 415 -4.32 26.43 -13.09
N GLY A 416 -4.01 26.08 -14.34
CA GLY A 416 -2.90 25.18 -14.66
C GLY A 416 -1.57 25.51 -14.01
N CYS A 417 -1.21 26.79 -14.02
CA CYS A 417 0.05 27.20 -13.44
C CYS A 417 0.04 27.11 -11.90
N CYS A 418 -1.11 27.44 -11.29
CA CYS A 418 -1.33 27.29 -9.87
C CYS A 418 -1.14 25.81 -9.54
N ASN A 419 -1.69 24.95 -10.40
CA ASN A 419 -1.61 23.53 -10.23
C ASN A 419 -0.16 23.08 -10.10
N VAL A 420 0.72 23.54 -10.97
CA VAL A 420 2.08 23.09 -10.92
C VAL A 420 2.77 23.54 -9.67
N LEU A 421 2.53 24.80 -9.28
CA LEU A 421 3.20 25.33 -8.11
C LEU A 421 2.76 24.53 -6.89
N GLY A 422 1.49 24.17 -6.86
CA GLY A 422 0.96 23.25 -5.86
C GLY A 422 1.64 21.88 -5.91
N GLN A 423 1.69 21.28 -7.08
CA GLN A 423 2.15 19.90 -7.16
C GLN A 423 3.59 19.79 -6.74
N ILE A 424 4.42 20.73 -7.19
CA ILE A 424 5.82 20.63 -6.88
C ILE A 424 6.09 21.05 -5.45
N SER A 425 5.24 21.88 -4.83
CA SER A 425 5.46 22.19 -3.44
C SER A 425 5.38 20.90 -2.63
N THR A 426 4.59 19.94 -3.11
CA THR A 426 4.55 18.65 -2.42
C THR A 426 5.71 17.80 -2.83
N ASP A 427 5.87 17.64 -4.15
CA ASP A 427 6.77 16.65 -4.67
C ASP A 427 8.26 16.97 -4.47
N PHE A 428 8.63 18.24 -4.30
CA PHE A 428 10.02 18.63 -4.06
C PHE A 428 10.25 19.15 -2.63
N SER A 429 9.31 18.86 -1.73
CA SER A 429 9.39 19.33 -0.35
C SER A 429 10.42 18.49 0.42
N PRO A 430 11.05 19.05 1.47
CA PRO A 430 10.97 20.43 2.02
C PRO A 430 11.95 21.42 1.37
N PHE A 431 12.69 20.98 0.36
CA PHE A 431 13.73 21.81 -0.24
C PHE A 431 13.16 22.99 -1.00
N ILE A 432 12.06 22.79 -1.69
CA ILE A 432 11.46 23.89 -2.42
C ILE A 432 10.91 25.00 -1.49
N GLN A 433 10.37 24.61 -0.32
CA GLN A 433 9.86 25.60 0.63
C GLN A 433 11.01 26.48 1.07
N ARG A 434 12.18 25.87 1.33
CA ARG A 434 13.36 26.61 1.78
C ARG A 434 13.94 27.55 0.75
N THR A 435 13.89 27.16 -0.50
CA THR A 435 14.60 27.92 -1.48
C THR A 435 13.74 28.67 -2.47
N ALA A 436 12.43 28.42 -2.56
CA ALA A 436 11.68 29.15 -3.58
C ALA A 436 10.47 29.89 -3.05
N HIS A 437 10.44 30.03 -1.72
CA HIS A 437 9.33 30.70 -1.06
C HIS A 437 9.14 32.11 -1.55
N ASP A 438 10.26 32.78 -1.81
CA ASP A 438 10.31 34.17 -2.28
C ASP A 438 9.71 34.34 -3.67
N ARG A 439 9.63 33.27 -4.46
CA ARG A 439 8.96 33.30 -5.77
C ARG A 439 7.58 32.67 -5.75
N ILE A 440 7.45 31.54 -5.04
CA ILE A 440 6.20 30.80 -5.08
C ILE A 440 5.07 31.51 -4.33
N LEU A 441 5.33 31.96 -3.12
CA LEU A 441 4.26 32.56 -2.36
C LEU A 441 3.68 33.82 -3.02
N PRO A 442 4.55 34.76 -3.48
CA PRO A 442 4.01 35.97 -4.13
C PRO A 442 3.19 35.63 -5.36
N ALA A 443 3.68 34.67 -6.14
CA ALA A 443 2.96 34.16 -7.29
C ALA A 443 1.57 33.66 -6.87
N LEU A 444 1.48 32.75 -5.89
CA LEU A 444 0.14 32.25 -5.50
C LEU A 444 -0.69 33.36 -4.87
N ILE A 445 -0.06 34.14 -3.98
CA ILE A 445 -0.77 35.21 -3.30
C ILE A 445 -1.41 36.17 -4.28
N SER A 446 -0.72 36.48 -5.38
CA SER A 446 -1.30 37.37 -6.39
C SER A 446 -2.56 36.82 -7.04
N LYS A 447 -2.73 35.50 -7.05
CA LYS A 447 -3.94 34.94 -7.65
C LYS A 447 -5.11 35.00 -6.70
N LEU A 448 -4.89 35.36 -5.44
CA LEU A 448 -5.99 35.30 -4.49
C LEU A 448 -6.96 36.45 -4.64
N THR A 449 -6.48 37.53 -5.25
CA THR A 449 -7.24 38.79 -5.42
C THR A 449 -8.49 38.58 -6.22
N SER A 450 -9.50 39.36 -5.91
CA SER A 450 -10.84 39.13 -6.47
C SER A 450 -10.93 39.56 -7.93
N GLU A 451 -9.85 40.22 -8.39
CA GLU A 451 -9.60 40.45 -9.80
C GLU A 451 -9.70 39.14 -10.59
N CYS A 452 -9.10 38.05 -10.08
CA CYS A 452 -9.07 36.74 -10.78
C CYS A 452 -10.39 35.98 -10.74
N THR A 453 -10.49 34.90 -11.51
CA THR A 453 -11.74 34.12 -11.58
C THR A 453 -11.87 33.22 -10.35
N SER A 454 -13.11 32.87 -9.96
CA SER A 454 -13.34 32.00 -8.79
C SER A 454 -12.44 30.77 -8.83
N ARG A 455 -12.44 30.08 -9.96
CA ARG A 455 -11.69 28.85 -10.10
C ARG A 455 -10.21 29.04 -9.88
N VAL A 456 -9.68 30.16 -10.38
CA VAL A 456 -8.29 30.44 -10.16
C VAL A 456 -8.00 30.78 -8.68
N GLN A 457 -8.80 31.66 -8.08
CA GLN A 457 -8.57 32.04 -6.68
C GLN A 457 -8.55 30.76 -5.80
N THR A 458 -9.48 29.86 -6.10
CA THR A 458 -9.62 28.64 -5.34
C THR A 458 -8.39 27.77 -5.53
N HIS A 459 -7.90 27.65 -6.75
CA HIS A 459 -6.84 26.70 -6.96
C HIS A 459 -5.53 27.23 -6.38
N ALA A 460 -5.32 28.54 -6.44
CA ALA A 460 -4.17 29.14 -5.83
C ALA A 460 -4.22 28.86 -4.32
N ALA A 461 -5.39 29.03 -3.70
CA ALA A 461 -5.56 28.72 -2.27
C ALA A 461 -5.33 27.22 -1.98
N ALA A 462 -5.75 26.35 -2.89
CA ALA A 462 -5.42 24.95 -2.76
C ALA A 462 -3.91 24.71 -2.77
N ALA A 463 -3.22 25.34 -3.71
CA ALA A 463 -1.79 25.18 -3.82
C ALA A 463 -1.09 25.72 -2.58
N LEU A 464 -1.72 26.63 -1.84
CA LEU A 464 -1.07 27.12 -0.65
C LEU A 464 -1.17 26.09 0.47
N VAL A 465 -2.14 25.17 0.39
CA VAL A 465 -2.12 24.01 1.27
C VAL A 465 -0.87 23.14 1.00
N ASN A 466 -0.64 22.77 -0.28
CA ASN A 466 0.53 22.00 -0.60
C ASN A 466 1.77 22.68 -0.05
N PHE A 467 1.95 23.98 -0.34
CA PHE A 467 3.16 24.64 0.09
C PHE A 467 3.30 24.62 1.64
N SER A 468 2.20 24.93 2.33
CA SER A 468 2.22 25.14 3.76
C SER A 468 2.59 23.90 4.50
N GLU A 469 2.18 22.76 3.95
CA GLU A 469 2.28 21.52 4.64
C GLU A 469 3.72 21.27 5.07
N PHE A 470 4.68 21.78 4.32
CA PHE A 470 6.10 21.52 4.59
C PHE A 470 6.97 22.76 4.84
N ALA A 471 6.32 23.89 5.07
CA ALA A 471 6.97 25.16 5.33
C ALA A 471 7.04 25.35 6.81
N SER A 472 8.21 25.68 7.32
CA SER A 472 8.36 25.99 8.73
C SER A 472 7.68 27.31 9.04
N LYS A 473 7.36 27.52 10.31
CA LYS A 473 6.72 28.74 10.74
C LYS A 473 7.54 29.98 10.37
N ASP A 474 8.86 29.88 10.48
CA ASP A 474 9.75 31.00 10.18
C ASP A 474 9.70 31.43 8.70
N ILE A 475 9.61 30.49 7.78
CA ILE A 475 9.45 30.80 6.36
C ILE A 475 8.09 31.45 6.07
N LEU A 476 7.02 30.95 6.69
CA LEU A 476 5.73 31.54 6.45
C LEU A 476 5.52 32.92 7.10
N GLU A 477 6.21 33.16 8.20
CA GLU A 477 6.01 34.38 9.03
C GLU A 477 5.85 35.69 8.29
N PRO A 478 6.83 36.08 7.45
CA PRO A 478 6.62 37.38 6.80
C PRO A 478 5.46 37.41 5.81
N TYR A 479 4.89 36.25 5.51
CA TYR A 479 3.85 36.21 4.50
C TYR A 479 2.45 36.06 5.07
N LEU A 480 2.35 35.87 6.38
CA LEU A 480 1.06 35.60 6.99
C LEU A 480 -0.02 36.68 6.86
N ASP A 481 0.33 37.92 7.16
CA ASP A 481 -0.67 39.00 7.11
C ASP A 481 -1.32 39.13 5.72
N SER A 482 -0.44 39.15 4.73
CA SER A 482 -0.80 39.10 3.34
C SER A 482 -1.67 37.86 2.96
N LEU A 483 -1.24 36.67 3.38
CA LEU A 483 -1.99 35.42 3.13
C LEU A 483 -3.34 35.55 3.74
N LEU A 484 -3.37 36.06 4.97
CA LEU A 484 -4.62 36.06 5.68
C LEU A 484 -5.61 37.09 5.18
N THR A 485 -5.14 38.32 4.96
CA THR A 485 -6.07 39.34 4.49
C THR A 485 -6.72 38.91 3.17
N ASN A 486 -5.94 38.32 2.27
CA ASN A 486 -6.51 37.78 1.05
C ASN A 486 -7.56 36.68 1.21
N LEU A 487 -7.21 35.69 2.02
CA LEU A 487 -8.13 34.54 2.22
C LEU A 487 -9.44 34.95 2.91
N LEU A 488 -9.41 35.99 3.77
CA LEU A 488 -10.66 36.52 4.34
C LEU A 488 -11.60 36.99 3.27
N VAL A 489 -11.06 37.59 2.21
CA VAL A 489 -11.94 38.04 1.15
C VAL A 489 -12.56 36.84 0.47
N LEU A 490 -11.75 35.80 0.24
CA LEU A 490 -12.28 34.59 -0.36
C LEU A 490 -13.33 33.99 0.56
N LEU A 491 -13.20 34.22 1.86
CA LEU A 491 -14.18 33.75 2.80
C LEU A 491 -15.52 34.42 2.54
N GLN A 492 -15.52 35.61 1.96
CA GLN A 492 -16.78 36.32 1.74
C GLN A 492 -17.40 36.09 0.37
N SER A 493 -17.03 34.99 -0.27
CA SER A 493 -17.49 34.70 -1.62
C SER A 493 -18.95 34.30 -1.63
N ASN A 494 -19.57 34.39 -2.78
CA ASN A 494 -20.98 33.98 -2.92
C ASN A 494 -21.03 32.51 -3.22
N LYS A 495 -19.87 31.96 -3.58
CA LYS A 495 -19.76 30.58 -3.98
C LYS A 495 -19.32 29.71 -2.82
N LEU A 496 -20.08 28.67 -2.54
CA LEU A 496 -19.81 27.80 -1.42
C LEU A 496 -18.43 27.17 -1.47
N TYR A 497 -18.01 26.71 -2.66
CA TYR A 497 -16.72 26.02 -2.77
C TYR A 497 -15.54 26.96 -2.58
N VAL A 498 -15.73 28.26 -2.76
CA VAL A 498 -14.65 29.22 -2.55
C VAL A 498 -14.47 29.41 -1.05
N GLN A 499 -15.59 29.46 -0.34
CA GLN A 499 -15.53 29.63 1.09
C GLN A 499 -14.89 28.42 1.78
N GLU A 500 -15.29 27.24 1.35
CA GLU A 500 -14.78 25.99 1.84
C GLU A 500 -13.29 25.87 1.60
N GLN A 501 -12.83 26.29 0.43
CA GLN A 501 -11.39 26.31 0.17
C GLN A 501 -10.69 27.32 1.04
N ALA A 502 -11.30 28.49 1.19
CA ALA A 502 -10.68 29.55 1.95
C ALA A 502 -10.37 29.04 3.37
N LEU A 503 -11.37 28.38 3.96
CA LEU A 503 -11.29 27.84 5.29
C LEU A 503 -10.19 26.81 5.43
N THR A 504 -10.02 25.94 4.45
CA THR A 504 -9.08 24.87 4.54
C THR A 504 -7.69 25.42 4.41
N THR A 505 -7.54 26.43 3.58
CA THR A 505 -6.23 27.01 3.38
C THR A 505 -5.79 27.76 4.65
N ILE A 506 -6.72 28.44 5.30
CA ILE A 506 -6.40 29.16 6.51
C ILE A 506 -6.01 28.16 7.60
N ALA A 507 -6.80 27.09 7.71
CA ALA A 507 -6.56 26.02 8.68
C ALA A 507 -5.15 25.46 8.57
N PHE A 508 -4.74 25.18 7.34
CA PHE A 508 -3.48 24.54 7.14
C PHE A 508 -2.32 25.51 7.28
N ILE A 509 -2.54 26.76 6.92
CA ILE A 509 -1.56 27.81 7.18
C ILE A 509 -1.41 28.00 8.68
N ALA A 510 -2.53 28.01 9.41
CA ALA A 510 -2.41 28.12 10.87
C ALA A 510 -1.68 26.92 11.47
N GLU A 511 -1.98 25.72 10.99
CA GLU A 511 -1.23 24.54 11.44
C GLU A 511 0.28 24.70 11.24
N ALA A 512 0.70 25.23 10.09
CA ALA A 512 2.12 25.37 9.86
C ALA A 512 2.70 26.53 10.66
N ALA A 513 1.91 27.60 10.85
CA ALA A 513 2.36 28.80 11.54
C ALA A 513 2.54 28.59 13.04
N LYS A 514 1.82 27.65 13.64
CA LYS A 514 1.96 27.43 15.11
C LYS A 514 1.85 28.74 15.93
N ASN A 515 2.79 28.97 16.83
CA ASN A 515 2.76 30.14 17.69
C ASN A 515 2.79 31.46 16.94
N LYS A 516 3.29 31.45 15.69
CA LYS A 516 3.36 32.68 14.92
C LYS A 516 1.97 33.12 14.49
N PHE A 517 0.96 32.30 14.72
CA PHE A 517 -0.39 32.63 14.31
C PHE A 517 -1.12 33.30 15.47
N ILE A 518 -0.49 33.43 16.62
CA ILE A 518 -1.22 33.93 17.79
C ILE A 518 -1.81 35.30 17.55
N LYS A 519 -1.05 36.14 16.88
CA LYS A 519 -1.53 37.48 16.58
C LYS A 519 -2.69 37.58 15.53
N TYR A 520 -3.07 36.49 14.87
CA TYR A 520 -4.15 36.52 13.89
C TYR A 520 -5.43 35.96 14.47
N TYR A 521 -5.31 35.48 15.69
CA TYR A 521 -6.37 34.68 16.25
C TYR A 521 -7.58 35.55 16.54
N ASP A 522 -7.36 36.74 17.07
CA ASP A 522 -8.49 37.64 17.38
C ASP A 522 -9.26 38.07 16.16
N THR A 523 -8.64 38.11 14.98
CA THR A 523 -9.44 38.54 13.82
C THR A 523 -10.26 37.38 13.25
N LEU A 524 -9.63 36.21 13.21
CA LEU A 524 -10.23 35.04 12.61
C LEU A 524 -11.34 34.47 13.43
N MET A 525 -11.10 34.31 14.72
CA MET A 525 -11.98 33.49 15.52
C MET A 525 -13.47 33.91 15.53
N PRO A 526 -13.77 35.23 15.59
CA PRO A 526 -15.16 35.70 15.54
C PRO A 526 -15.84 35.46 14.20
N LEU A 527 -15.08 35.62 13.12
CA LEU A 527 -15.62 35.41 11.79
C LEU A 527 -16.04 33.96 11.67
N LEU A 528 -15.25 33.08 12.28
CA LEU A 528 -15.47 31.64 12.27
C LEU A 528 -16.66 31.25 13.12
N LEU A 529 -16.72 31.79 14.36
CA LEU A 529 -17.85 31.58 15.24
C LEU A 529 -19.17 32.02 14.58
N ASN A 530 -19.20 33.20 13.95
CA ASN A 530 -20.35 33.67 13.15
C ASN A 530 -20.80 32.72 12.05
N VAL A 531 -19.86 32.20 11.27
CA VAL A 531 -20.22 31.19 10.28
C VAL A 531 -20.86 29.98 10.94
N LEU A 532 -20.32 29.50 12.05
CA LEU A 532 -20.91 28.33 12.73
C LEU A 532 -22.31 28.55 13.32
N LYS A 533 -22.59 29.77 13.78
CA LYS A 533 -23.83 30.08 14.51
C LYS A 533 -25.02 30.33 13.62
N VAL A 534 -24.76 30.63 12.34
CA VAL A 534 -25.77 30.76 11.27
C VAL A 534 -27.10 29.97 11.46
N ASN A 539 -25.40 23.50 4.05
CA ASN A 539 -24.05 24.02 4.28
C ASN A 539 -23.27 23.25 5.38
N SER A 540 -23.39 21.92 5.34
CA SER A 540 -22.73 20.98 6.27
C SER A 540 -21.21 20.98 6.25
N VAL A 541 -20.66 20.91 5.04
CA VAL A 541 -19.22 20.92 4.83
C VAL A 541 -18.60 22.24 5.23
N LEU A 542 -19.36 23.31 5.11
CA LEU A 542 -18.90 24.64 5.49
C LEU A 542 -18.68 24.65 6.99
N LYS A 543 -19.69 24.19 7.72
CA LYS A 543 -19.61 24.10 9.16
C LYS A 543 -18.48 23.16 9.62
N GLY A 544 -18.35 22.04 8.96
CA GLY A 544 -17.29 21.09 9.31
C GLY A 544 -15.92 21.68 9.12
N LYS A 545 -15.72 22.34 7.98
CA LYS A 545 -14.42 22.89 7.62
C LYS A 545 -14.17 24.06 8.52
N CYS A 546 -15.24 24.71 8.90
CA CYS A 546 -15.15 25.77 9.88
C CYS A 546 -14.72 25.32 11.33
N MET A 547 -15.26 24.20 11.79
CA MET A 547 -14.83 23.71 13.06
C MET A 547 -13.43 23.13 12.98
N GLU A 548 -13.11 22.54 11.85
CA GLU A 548 -11.75 22.12 11.62
C GLU A 548 -10.77 23.32 11.64
N CYS A 549 -11.17 24.42 11.01
CA CYS A 549 -10.32 25.57 10.98
C CYS A 549 -10.16 26.10 12.39
N ALA A 550 -11.26 26.18 13.14
CA ALA A 550 -11.21 26.66 14.53
C ALA A 550 -10.26 25.84 15.45
N THR A 551 -10.36 24.52 15.35
CA THR A 551 -9.61 23.71 16.27
C THR A 551 -8.15 23.59 15.85
N LEU A 552 -7.85 23.57 14.55
CA LEU A 552 -6.45 23.68 14.12
C LEU A 552 -5.81 25.04 14.53
N ILE A 553 -6.56 26.14 14.39
CA ILE A 553 -6.10 27.40 14.98
C ILE A 553 -5.85 27.20 16.48
N GLY A 554 -6.78 26.56 17.19
CA GLY A 554 -6.63 26.30 18.62
C GLY A 554 -5.34 25.58 19.02
N PHE A 555 -4.97 24.56 18.23
CA PHE A 555 -3.79 23.79 18.54
C PHE A 555 -2.55 24.61 18.22
N ALA A 556 -2.67 25.46 17.20
CA ALA A 556 -1.56 26.33 16.79
C ALA A 556 -1.25 27.36 17.85
N VAL A 557 -2.26 27.96 18.42
CA VAL A 557 -2.02 29.05 19.34
C VAL A 557 -1.80 28.58 20.78
N GLY A 558 -2.19 27.33 21.07
CA GLY A 558 -2.06 26.78 22.41
C GLY A 558 -3.31 27.02 23.25
N LYS A 559 -3.37 26.33 24.38
CA LYS A 559 -4.53 26.23 25.26
C LYS A 559 -4.93 27.55 25.88
N GLU A 560 -3.93 28.31 26.34
CA GLU A 560 -4.21 29.60 26.96
C GLU A 560 -4.95 30.55 26.06
N LYS A 561 -4.49 30.70 24.83
CA LYS A 561 -5.18 31.54 23.87
C LYS A 561 -6.49 30.88 23.45
N PHE A 562 -6.46 29.55 23.33
CA PHE A 562 -7.65 28.83 22.88
C PHE A 562 -8.77 29.05 23.87
N HIS A 563 -8.40 29.21 25.13
CA HIS A 563 -9.37 29.45 26.17
C HIS A 563 -10.27 30.67 26.03
N GLU A 564 -9.88 31.66 25.25
CA GLU A 564 -10.81 32.78 25.07
C GLU A 564 -12.13 32.44 24.34
N HIS A 565 -12.20 31.32 23.62
CA HIS A 565 -13.43 30.91 22.97
C HIS A 565 -13.78 29.46 23.11
N SER A 566 -13.00 28.71 23.87
CA SER A 566 -13.21 27.28 23.94
C SER A 566 -14.60 26.90 24.41
N GLN A 567 -15.10 27.58 25.44
CA GLN A 567 -16.42 27.20 26.00
C GLN A 567 -17.54 27.38 25.02
N GLU A 568 -17.53 28.54 24.35
CA GLU A 568 -18.53 28.82 23.33
C GLU A 568 -18.38 27.85 22.17
N LEU A 569 -17.16 27.69 21.67
CA LEU A 569 -16.92 26.72 20.65
C LEU A 569 -17.48 25.35 21.07
N ILE A 570 -17.16 24.90 22.28
CA ILE A 570 -17.61 23.59 22.72
C ILE A 570 -19.15 23.52 22.70
N SER A 571 -19.81 24.60 23.09
CA SER A 571 -21.27 24.56 23.16
C SER A 571 -21.89 24.44 21.76
N ILE A 572 -21.21 25.00 20.77
CA ILE A 572 -21.68 24.91 19.39
C ILE A 572 -21.47 23.49 18.84
N LEU A 573 -20.32 22.91 19.14
CA LEU A 573 -20.03 21.56 18.75
C LEU A 573 -21.08 20.61 19.29
N VAL A 574 -21.40 20.75 20.57
CA VAL A 574 -22.42 19.93 21.18
C VAL A 574 -23.72 20.06 20.38
N ALA A 575 -24.10 21.29 20.08
CA ALA A 575 -25.34 21.51 19.35
C ALA A 575 -25.26 20.79 18.02
N LEU A 576 -24.08 20.84 17.42
CA LEU A 576 -23.92 20.33 16.07
C LEU A 576 -24.05 18.81 16.02
N GLN A 577 -23.45 18.17 17.03
CA GLN A 577 -23.29 16.72 17.09
C GLN A 577 -24.60 16.04 17.32
N ASN A 578 -25.47 16.67 18.09
CA ASN A 578 -26.67 16.01 18.53
C ASN A 578 -27.90 16.48 17.78
N SER A 579 -27.76 17.02 16.58
CA SER A 579 -28.86 17.87 16.00
C SER A 579 -29.92 17.20 15.13
N ASP A 585 -23.79 14.07 7.31
CA ASP A 585 -23.05 12.79 7.45
C ASP A 585 -21.53 12.98 7.29
N ALA A 586 -21.12 13.90 6.42
CA ALA A 586 -19.70 14.26 6.33
C ALA A 586 -19.31 15.10 7.55
N LEU A 587 -20.31 15.81 8.09
CA LEU A 587 -20.17 16.56 9.30
C LEU A 587 -19.74 15.68 10.46
N ARG A 588 -20.36 14.51 10.63
CA ARG A 588 -19.99 13.59 11.72
C ARG A 588 -18.46 13.38 11.84
N SER A 589 -17.81 13.23 10.71
CA SER A 589 -16.37 13.02 10.72
C SER A 589 -15.53 14.28 11.06
N TYR A 590 -16.00 15.46 10.64
CA TYR A 590 -15.34 16.70 11.04
C TYR A 590 -15.55 16.91 12.54
N LEU A 591 -16.74 16.53 13.02
CA LEU A 591 -17.02 16.69 14.44
C LEU A 591 -16.07 15.86 15.28
N GLU A 592 -15.86 14.61 14.90
CA GLU A 592 -15.02 13.68 15.63
C GLU A 592 -13.58 14.10 15.71
N GLN A 593 -13.08 14.60 14.59
CA GLN A 593 -11.71 15.08 14.52
C GLN A 593 -11.51 16.35 15.35
N SER A 594 -12.55 17.18 15.38
CA SER A 594 -12.45 18.41 16.13
C SER A 594 -12.43 18.13 17.62
N TRP A 595 -13.34 17.28 18.07
CA TRP A 595 -13.34 16.90 19.47
C TRP A 595 -11.98 16.34 19.80
N SER A 596 -11.47 15.45 18.95
CA SER A 596 -10.17 14.87 19.20
C SER A 596 -9.08 15.91 19.31
N ARG A 597 -9.13 16.95 18.49
CA ARG A 597 -8.11 17.99 18.49
C ARG A 597 -8.25 18.84 19.80
N ILE A 598 -9.48 19.04 20.24
CA ILE A 598 -9.71 19.74 21.49
C ILE A 598 -9.13 18.95 22.68
N CYS A 599 -9.24 17.62 22.62
CA CYS A 599 -8.62 16.83 23.64
C CYS A 599 -7.09 17.00 23.61
N ARG A 600 -6.47 17.13 22.44
CA ARG A 600 -5.01 17.40 22.43
C ARG A 600 -4.66 18.78 22.99
N ILE A 601 -5.58 19.74 22.86
CA ILE A 601 -5.34 21.09 23.33
C ILE A 601 -5.50 21.11 24.83
N LEU A 602 -6.68 20.67 25.28
CA LEU A 602 -7.06 20.78 26.69
C LEU A 602 -6.36 19.80 27.67
N GLY A 603 -5.73 18.73 27.16
CA GLY A 603 -5.13 17.68 28.00
C GLY A 603 -6.15 17.08 28.96
N ASP A 604 -5.77 16.91 30.22
CA ASP A 604 -6.68 16.37 31.24
C ASP A 604 -7.95 17.17 31.46
N ASP A 605 -8.03 18.43 30.98
CA ASP A 605 -9.24 19.22 31.18
C ASP A 605 -10.37 18.79 30.27
N PHE A 606 -10.05 17.90 29.34
CA PHE A 606 -11.04 17.28 28.46
C PHE A 606 -11.86 16.26 29.23
N VAL A 607 -11.33 15.68 30.30
CA VAL A 607 -11.95 14.54 30.96
C VAL A 607 -13.46 14.69 31.13
N PRO A 608 -13.94 15.86 31.62
CA PRO A 608 -15.40 16.04 31.74
C PRO A 608 -16.23 15.93 30.42
N LEU A 609 -15.57 15.98 29.28
CA LEU A 609 -16.24 15.88 28.00
C LEU A 609 -16.31 14.44 27.42
N LEU A 610 -15.59 13.50 28.05
CA LEU A 610 -15.63 12.09 27.58
C LEU A 610 -17.05 11.52 27.41
N PRO A 611 -17.97 11.73 28.39
CA PRO A 611 -19.33 11.20 28.18
C PRO A 611 -20.10 11.82 27.00
N ILE A 612 -19.63 12.93 26.44
CA ILE A 612 -20.27 13.50 25.26
C ILE A 612 -19.69 12.82 24.03
N VAL A 613 -18.38 12.59 24.07
CA VAL A 613 -17.64 12.36 22.86
C VAL A 613 -17.47 10.87 22.53
N ILE A 614 -17.30 10.08 23.58
CA ILE A 614 -17.03 8.67 23.43
C ILE A 614 -18.20 7.84 22.93
N PRO A 615 -19.42 7.98 23.47
CA PRO A 615 -20.52 7.16 22.95
C PRO A 615 -20.63 7.04 21.41
N PRO A 616 -20.66 8.16 20.68
CA PRO A 616 -20.74 8.04 19.22
C PRO A 616 -19.55 7.28 18.63
N LEU A 617 -18.38 7.42 19.24
CA LEU A 617 -17.22 6.70 18.75
C LEU A 617 -17.35 5.22 18.99
N LEU A 618 -17.94 4.86 20.12
CA LEU A 618 -18.18 3.48 20.39
C LEU A 618 -19.07 2.87 19.32
N ILE A 619 -20.09 3.60 18.87
CA ILE A 619 -21.01 3.05 17.89
C ILE A 619 -20.24 2.75 16.60
N THR A 620 -19.58 3.76 16.04
CA THR A 620 -18.84 3.56 14.80
C THR A 620 -17.78 2.46 14.91
N ALA A 621 -17.08 2.38 16.04
CA ALA A 621 -15.98 1.42 16.20
C ALA A 621 -16.46 0.00 16.47
N LYS A 622 -17.76 -0.16 16.67
CA LYS A 622 -18.38 -1.48 16.83
C LYS A 622 -18.97 -2.05 15.52
N ALA A 623 -18.82 -1.32 14.42
CA ALA A 623 -19.25 -1.77 13.09
C ALA A 623 -18.88 -3.23 12.90
N THR A 624 -19.83 -4.00 12.38
CA THR A 624 -19.58 -5.41 12.14
C THR A 624 -19.07 -5.60 10.72
N GLN A 625 -18.44 -6.75 10.48
CA GLN A 625 -17.98 -7.07 9.14
C GLN A 625 -19.23 -7.23 8.31
N ASP A 626 -19.53 -6.17 7.54
CA ASP A 626 -20.74 -6.13 6.77
C ASP A 626 -20.47 -6.81 5.46
N VAL A 627 -20.89 -8.07 5.44
CA VAL A 627 -20.72 -9.00 4.33
C VAL A 627 -22.10 -9.39 3.75
N GLY A 628 -22.14 -9.50 2.42
CA GLY A 628 -23.27 -10.10 1.71
C GLY A 628 -22.79 -11.30 0.93
N LEU A 629 -23.21 -12.48 1.36
CA LEU A 629 -22.88 -13.71 0.64
C LEU A 629 -23.64 -13.65 -0.71
N ILE A 630 -22.88 -13.54 -1.79
CA ILE A 630 -23.33 -12.94 -3.06
C ILE A 630 -23.17 -13.88 -4.28
N GLU A 631 -23.78 -13.52 -5.40
CA GLU A 631 -23.82 -14.39 -6.58
C GLU A 631 -22.92 -13.92 -7.72
N GLU A 632 -22.34 -14.86 -8.46
CA GLU A 632 -21.38 -14.56 -9.55
C GLU A 632 -21.73 -13.33 -10.40
N GLU A 633 -22.89 -13.38 -11.06
CA GLU A 633 -23.36 -12.29 -11.93
C GLU A 633 -23.51 -10.99 -11.13
N GLU A 634 -24.14 -11.10 -9.97
CA GLU A 634 -24.53 -9.97 -9.11
C GLU A 634 -23.35 -9.17 -8.55
N ALA A 635 -22.13 -9.59 -8.91
CA ALA A 635 -20.91 -8.88 -8.61
C ALA A 635 -20.63 -8.05 -9.86
N ALA A 636 -19.41 -7.50 -9.96
CA ALA A 636 -19.04 -6.57 -11.03
C ALA A 636 -19.80 -5.23 -10.93
N ASN A 637 -21.14 -5.29 -10.99
CA ASN A 637 -21.94 -4.06 -10.80
C ASN A 637 -21.97 -3.57 -9.35
N PHE A 638 -21.94 -4.52 -8.40
CA PHE A 638 -21.65 -4.22 -6.97
C PHE A 638 -20.28 -3.56 -6.85
N GLN A 639 -19.34 -3.99 -7.69
CA GLN A 639 -17.98 -3.46 -7.73
C GLN A 639 -17.84 -2.03 -8.26
N GLN A 640 -18.85 -1.55 -8.97
CA GLN A 640 -18.88 -0.20 -9.54
C GLN A 640 -18.71 0.87 -8.47
N TYR A 641 -19.36 0.66 -7.33
CA TYR A 641 -19.30 1.56 -6.20
C TYR A 641 -17.91 1.61 -5.57
N PRO A 642 -17.37 2.83 -5.40
CA PRO A 642 -16.08 2.97 -4.70
C PRO A 642 -16.18 2.44 -3.27
N ASP A 643 -17.38 2.52 -2.68
CA ASP A 643 -17.57 2.12 -1.27
C ASP A 643 -17.77 0.61 -1.05
N TRP A 644 -17.71 -0.18 -2.13
CA TRP A 644 -17.80 -1.61 -2.00
C TRP A 644 -16.71 -2.29 -2.80
N ASP A 645 -16.34 -3.49 -2.35
CA ASP A 645 -15.50 -4.40 -3.11
C ASP A 645 -16.08 -5.84 -3.00
N VAL A 646 -15.75 -6.69 -3.98
CA VAL A 646 -16.05 -8.13 -3.88
C VAL A 646 -14.78 -8.94 -4.09
N VAL A 647 -14.63 -10.02 -3.33
CA VAL A 647 -13.55 -10.99 -3.54
C VAL A 647 -14.10 -12.41 -3.54
N GLN A 648 -13.30 -13.37 -4.02
CA GLN A 648 -13.60 -14.80 -3.89
C GLN A 648 -12.60 -15.45 -2.92
N VAL A 649 -13.08 -15.97 -1.80
CA VAL A 649 -12.19 -16.37 -0.70
C VAL A 649 -11.87 -17.86 -0.66
N GLN A 650 -12.90 -18.69 -0.78
CA GLN A 650 -12.76 -20.15 -0.68
C GLN A 650 -13.68 -20.84 -1.69
N GLY A 651 -14.00 -20.09 -2.74
CA GLY A 651 -14.84 -20.55 -3.85
C GLY A 651 -15.97 -19.58 -4.14
N LYS A 652 -16.67 -19.17 -3.09
CA LYS A 652 -17.86 -18.31 -3.19
C LYS A 652 -17.51 -16.82 -3.24
N HIS A 653 -18.53 -16.02 -3.58
CA HIS A 653 -18.43 -14.56 -3.70
C HIS A 653 -18.94 -13.79 -2.49
N ILE A 654 -18.17 -12.82 -2.04
CA ILE A 654 -18.56 -12.02 -0.89
C ILE A 654 -18.52 -10.54 -1.16
N ALA A 655 -19.63 -9.85 -0.91
CA ALA A 655 -19.65 -8.37 -0.98
C ALA A 655 -19.38 -7.73 0.39
N ILE A 656 -18.31 -6.94 0.46
CA ILE A 656 -17.94 -6.26 1.72
C ILE A 656 -18.02 -4.74 1.62
N HIS A 657 -18.67 -4.13 2.60
CA HIS A 657 -18.85 -2.68 2.64
C HIS A 657 -17.56 -2.04 3.15
N THR A 658 -16.67 -1.66 2.22
CA THR A 658 -15.32 -1.19 2.56
C THR A 658 -15.27 0.15 3.33
N SER A 659 -15.97 1.17 2.83
CA SER A 659 -16.05 2.47 3.50
C SER A 659 -16.38 2.33 5.00
N VAL A 660 -17.42 1.56 5.31
CA VAL A 660 -17.88 1.36 6.69
C VAL A 660 -16.73 0.85 7.56
N LEU A 661 -15.91 -0.01 6.99
CA LEU A 661 -14.80 -0.59 7.72
C LEU A 661 -13.63 0.38 7.82
N ASP A 662 -13.45 1.23 6.81
CA ASP A 662 -12.49 2.34 6.93
C ASP A 662 -12.90 3.24 8.08
N ASP A 663 -14.20 3.53 8.18
CA ASP A 663 -14.71 4.40 9.25
C ASP A 663 -14.52 3.78 10.62
N LYS A 664 -14.78 2.48 10.74
CA LYS A 664 -14.44 1.71 11.96
C LYS A 664 -12.97 1.95 12.36
N VAL A 665 -12.04 1.77 11.43
CA VAL A 665 -10.62 2.07 11.70
C VAL A 665 -10.45 3.50 12.22
N SER A 666 -10.89 4.51 11.46
CA SER A 666 -10.77 5.90 11.87
C SER A 666 -11.30 6.10 13.29
N ALA A 667 -12.45 5.54 13.63
CA ALA A 667 -12.94 5.60 15.02
C ALA A 667 -11.99 4.89 15.99
N MET A 668 -11.41 3.77 15.57
CA MET A 668 -10.53 3.04 16.44
C MET A 668 -9.26 3.84 16.68
N GLU A 669 -8.80 4.55 15.66
CA GLU A 669 -7.63 5.40 15.81
C GLU A 669 -7.93 6.56 16.75
N LEU A 670 -9.14 7.10 16.71
CA LEU A 670 -9.50 8.14 17.70
C LEU A 670 -9.62 7.60 19.11
N LEU A 671 -10.25 6.45 19.31
CA LEU A 671 -10.27 5.86 20.63
C LEU A 671 -8.86 5.61 21.12
N GLN A 672 -8.00 5.16 20.23
CA GLN A 672 -6.62 4.93 20.56
C GLN A 672 -5.91 6.19 20.95
N SER A 673 -6.27 7.32 20.31
CA SER A 673 -5.57 8.56 20.59
C SER A 673 -6.07 9.17 21.88
N TYR A 674 -7.36 8.99 22.21
CA TYR A 674 -7.88 9.39 23.50
C TYR A 674 -7.21 8.59 24.61
N ALA A 675 -7.07 7.30 24.40
CA ALA A 675 -6.44 6.46 25.39
C ALA A 675 -4.96 6.86 25.58
N THR A 676 -4.27 7.17 24.49
CA THR A 676 -2.88 7.61 24.55
C THR A 676 -2.67 8.92 25.31
N LEU A 677 -3.50 9.91 25.05
CA LEU A 677 -3.41 11.21 25.73
C LEU A 677 -3.94 11.18 27.17
N LEU A 678 -5.04 10.49 27.38
CA LEU A 678 -5.70 10.51 28.67
C LEU A 678 -5.16 9.48 29.66
N ARG A 679 -4.37 8.51 29.18
CA ARG A 679 -3.78 7.47 30.03
C ARG A 679 -4.75 6.88 31.05
N GLY A 680 -4.43 7.06 32.33
CA GLY A 680 -5.22 6.47 33.40
C GLY A 680 -6.68 6.88 33.37
N GLN A 681 -6.92 8.12 32.94
CA GLN A 681 -8.26 8.68 32.87
C GLN A 681 -9.17 8.00 31.86
N PHE A 682 -8.62 7.14 31.00
CA PHE A 682 -9.44 6.43 30.01
C PHE A 682 -9.79 5.03 30.49
N ALA A 683 -9.19 4.62 31.60
CA ALA A 683 -9.28 3.27 32.12
C ALA A 683 -10.70 2.73 32.15
N VAL A 684 -11.63 3.53 32.65
CA VAL A 684 -13.05 3.13 32.67
C VAL A 684 -13.58 2.55 31.35
N TYR A 685 -12.94 2.86 30.22
CA TYR A 685 -13.41 2.36 28.93
C TYR A 685 -12.66 1.13 28.44
N VAL A 686 -11.55 0.83 29.08
CA VAL A 686 -10.64 -0.20 28.61
C VAL A 686 -11.30 -1.56 28.41
N LYS A 687 -12.04 -2.04 29.42
CA LYS A 687 -12.64 -3.37 29.36
C LYS A 687 -13.58 -3.40 28.17
N GLU A 688 -14.49 -2.42 28.12
CA GLU A 688 -15.41 -2.35 27.01
C GLU A 688 -14.77 -2.29 25.63
N VAL A 689 -13.78 -1.42 25.45
CA VAL A 689 -13.18 -1.26 24.13
C VAL A 689 -12.37 -2.51 23.79
N MET A 690 -11.75 -3.10 24.81
CA MET A 690 -10.94 -4.31 24.60
C MET A 690 -11.81 -5.47 24.13
N GLU A 691 -12.93 -5.72 24.81
CA GLU A 691 -13.77 -6.89 24.53
C GLU A 691 -14.73 -6.67 23.39
N GLU A 692 -15.25 -5.46 23.28
CA GLU A 692 -16.19 -5.19 22.20
C GLU A 692 -15.59 -4.59 20.93
N ILE A 693 -14.34 -4.10 20.98
CA ILE A 693 -13.72 -3.49 19.78
C ILE A 693 -12.34 -4.01 19.35
N ALA A 694 -11.36 -3.91 20.23
CA ALA A 694 -9.98 -4.33 19.88
C ALA A 694 -9.96 -5.80 19.46
N LEU A 695 -10.35 -6.67 20.39
CA LEU A 695 -10.34 -8.11 20.19
C LEU A 695 -11.18 -8.66 19.03
N PRO A 696 -12.49 -8.30 18.96
CA PRO A 696 -13.25 -8.79 17.82
C PRO A 696 -12.63 -8.38 16.50
N SER A 697 -11.83 -7.32 16.52
CA SER A 697 -11.29 -6.77 15.26
C SER A 697 -10.25 -7.67 14.62
N LEU A 698 -9.59 -8.49 15.42
CA LEU A 698 -8.64 -9.47 14.89
C LEU A 698 -9.30 -10.50 13.95
N ASP A 699 -10.59 -10.78 14.18
CA ASP A 699 -11.36 -11.74 13.37
C ASP A 699 -11.97 -11.11 12.11
N PHE A 700 -11.52 -9.92 11.73
CA PHE A 700 -12.03 -9.26 10.53
C PHE A 700 -11.18 -9.62 9.31
N TYR A 701 -11.36 -10.84 8.82
CA TYR A 701 -10.51 -11.42 7.75
C TYR A 701 -10.62 -10.71 6.40
N LEU A 702 -11.69 -9.94 6.19
CA LEU A 702 -11.91 -9.23 4.93
C LEU A 702 -11.36 -7.80 4.81
N HIS A 703 -10.74 -7.29 5.87
CA HIS A 703 -10.25 -5.92 5.87
C HIS A 703 -9.09 -5.83 6.82
N ASP A 704 -7.90 -5.62 6.29
CA ASP A 704 -6.72 -5.74 7.11
C ASP A 704 -6.44 -4.55 8.00
N GLY A 705 -6.95 -3.39 7.58
CA GLY A 705 -6.86 -2.17 8.37
C GLY A 705 -7.50 -2.40 9.72
N VAL A 706 -8.70 -2.95 9.73
CA VAL A 706 -9.34 -3.26 10.98
C VAL A 706 -8.48 -4.14 11.87
N ARG A 707 -7.93 -5.20 11.30
CA ARG A 707 -7.14 -6.14 12.06
C ARG A 707 -5.95 -5.42 12.66
N ALA A 708 -5.28 -4.61 11.86
CA ALA A 708 -4.16 -3.88 12.38
C ALA A 708 -4.59 -2.87 13.44
N ALA A 709 -5.71 -2.20 13.23
CA ALA A 709 -6.09 -1.18 14.16
C ALA A 709 -6.49 -1.80 15.49
N GLY A 710 -7.14 -2.97 15.42
CA GLY A 710 -7.41 -3.75 16.62
C GLY A 710 -6.12 -4.08 17.35
N ALA A 711 -5.11 -4.53 16.62
CA ALA A 711 -3.85 -4.89 17.25
C ALA A 711 -3.18 -3.73 17.96
N THR A 712 -3.05 -2.57 17.31
CA THR A 712 -2.36 -1.44 17.98
C THR A 712 -3.11 -0.88 19.20
N LEU A 713 -4.44 -1.04 19.21
CA LEU A 713 -5.25 -0.62 20.34
C LEU A 713 -4.89 -1.41 21.61
N ILE A 714 -4.65 -2.71 21.46
CA ILE A 714 -4.38 -3.61 22.62
C ILE A 714 -3.37 -3.06 23.66
N PRO A 715 -2.08 -2.85 23.30
CA PRO A 715 -1.13 -2.46 24.36
C PRO A 715 -1.49 -1.13 25.00
N ILE A 716 -2.10 -0.24 24.23
CA ILE A 716 -2.46 1.09 24.73
C ILE A 716 -3.62 1.01 25.74
N LEU A 717 -4.63 0.19 25.44
CA LEU A 717 -5.68 -0.12 26.42
C LEU A 717 -5.09 -0.69 27.71
N LEU A 718 -4.33 -1.78 27.64
CA LEU A 718 -3.66 -2.30 28.83
C LEU A 718 -2.94 -1.20 29.64
N SER A 719 -2.10 -0.44 28.95
CA SER A 719 -1.35 0.59 29.62
C SER A 719 -2.22 1.64 30.34
N CYS A 720 -3.45 1.86 29.86
CA CYS A 720 -4.36 2.77 30.53
C CYS A 720 -4.89 2.21 31.82
N LEU A 721 -5.28 0.93 31.79
CA LEU A 721 -5.80 0.31 32.98
C LEU A 721 -4.67 0.19 34.00
N LEU A 722 -3.49 -0.29 33.56
CA LEU A 722 -2.30 -0.31 34.45
C LEU A 722 -2.13 0.99 35.24
N ALA A 723 -2.08 2.11 34.53
CA ALA A 723 -1.84 3.44 35.13
C ALA A 723 -2.89 3.83 36.16
N ALA A 724 -4.13 3.38 35.95
CA ALA A 724 -5.20 3.62 36.91
C ALA A 724 -5.17 2.53 38.00
N GLU A 730 -6.34 -7.52 38.48
CA GLU A 730 -7.13 -8.71 38.16
C GLU A 730 -7.70 -8.67 36.75
N GLU A 731 -8.71 -7.85 36.55
CA GLU A 731 -9.13 -7.48 35.20
C GLU A 731 -7.96 -7.30 34.22
N LEU A 732 -7.00 -6.45 34.58
CA LEU A 732 -5.87 -6.18 33.70
C LEU A 732 -5.23 -7.49 33.27
N VAL A 733 -5.08 -8.39 34.25
CA VAL A 733 -4.41 -9.67 34.07
C VAL A 733 -5.22 -10.60 33.16
N LEU A 734 -6.52 -10.63 33.40
CA LEU A 734 -7.44 -11.36 32.54
C LEU A 734 -7.40 -10.86 31.10
N LEU A 735 -7.69 -9.57 30.92
CA LEU A 735 -7.67 -8.95 29.59
C LEU A 735 -6.35 -9.24 28.87
N TRP A 736 -5.23 -9.11 29.58
CA TRP A 736 -3.95 -9.37 28.92
C TRP A 736 -3.84 -10.80 28.49
N HIS A 737 -4.33 -11.72 29.32
CA HIS A 737 -4.30 -13.12 28.94
C HIS A 737 -5.13 -13.33 27.66
N LYS A 738 -6.34 -12.76 27.64
CA LYS A 738 -7.22 -12.89 26.50
C LYS A 738 -6.62 -12.26 25.25
N ALA A 739 -6.03 -11.07 25.42
CA ALA A 739 -5.53 -10.31 24.30
C ALA A 739 -4.30 -10.98 23.70
N SER A 740 -3.31 -11.30 24.54
CA SER A 740 -2.11 -12.02 24.11
C SER A 740 -2.44 -13.32 23.38
N SER A 741 -3.45 -14.04 23.86
CA SER A 741 -3.82 -15.34 23.30
C SER A 741 -4.45 -15.26 21.92
N LYS A 742 -5.28 -14.24 21.69
CA LYS A 742 -5.83 -14.00 20.37
C LYS A 742 -4.76 -13.44 19.42
N LEU A 743 -3.84 -12.63 19.95
CA LEU A 743 -2.71 -12.17 19.18
C LEU A 743 -1.89 -13.36 18.67
N ILE A 744 -1.42 -14.17 19.62
CA ILE A 744 -0.72 -15.41 19.34
C ILE A 744 -1.46 -16.29 18.32
N GLY A 745 -2.72 -16.64 18.62
CA GLY A 745 -3.57 -17.36 17.66
C GLY A 745 -3.62 -16.76 16.25
N GLY A 746 -3.53 -15.44 16.14
CA GLY A 746 -3.55 -14.77 14.84
C GLY A 746 -2.36 -15.12 13.95
N LEU A 747 -1.24 -15.49 14.58
CA LEU A 747 -0.01 -15.82 13.88
C LEU A 747 -0.07 -17.04 12.96
N MET A 748 -0.93 -17.99 13.30
CA MET A 748 -1.07 -19.25 12.55
C MET A 748 -2.23 -19.21 11.54
N SER A 749 -2.94 -18.10 11.51
CA SER A 749 -4.09 -17.93 10.63
C SER A 749 -3.89 -16.76 9.69
N GLU A 750 -3.31 -15.69 10.22
CA GLU A 750 -3.18 -14.45 9.49
C GLU A 750 -2.48 -14.65 8.14
N PRO A 751 -3.20 -14.41 7.02
CA PRO A 751 -2.62 -14.54 5.67
C PRO A 751 -1.70 -13.40 5.20
N MET A 752 -1.99 -12.17 5.61
CA MET A 752 -1.26 -11.00 5.12
C MET A 752 0.00 -10.78 5.94
N PRO A 753 1.17 -10.85 5.30
CA PRO A 753 2.45 -10.70 6.00
C PRO A 753 2.57 -9.37 6.74
N GLU A 754 2.06 -8.29 6.15
CA GLU A 754 2.14 -6.98 6.80
C GLU A 754 1.38 -6.97 8.15
N ILE A 755 0.22 -7.63 8.21
CA ILE A 755 -0.55 -7.76 9.45
C ILE A 755 0.16 -8.63 10.51
N THR A 756 0.59 -9.82 10.11
CA THR A 756 1.40 -10.67 10.97
C THR A 756 2.43 -9.84 11.75
N GLN A 757 3.07 -8.90 11.05
CA GLN A 757 4.08 -8.03 11.66
C GLN A 757 3.49 -7.19 12.80
N VAL A 758 2.29 -6.68 12.57
CA VAL A 758 1.64 -5.80 13.54
C VAL A 758 1.36 -6.59 14.83
N TYR A 759 0.94 -7.85 14.68
CA TYR A 759 0.68 -8.76 15.81
C TYR A 759 1.91 -8.99 16.66
N HIS A 760 3.03 -9.32 16.02
CA HIS A 760 4.28 -9.48 16.74
C HIS A 760 4.63 -8.20 17.47
N ASN A 761 4.60 -7.09 16.73
CA ASN A 761 4.82 -5.78 17.33
C ASN A 761 3.85 -5.54 18.47
N SER A 762 2.60 -5.88 18.24
CA SER A 762 1.61 -5.72 19.28
C SER A 762 1.92 -6.56 20.55
N LEU A 763 2.34 -7.80 20.36
CA LEU A 763 2.83 -8.61 21.49
C LEU A 763 4.02 -8.01 22.22
N VAL A 764 5.02 -7.57 21.45
CA VAL A 764 6.17 -6.88 21.99
C VAL A 764 5.70 -5.75 22.91
N ASN A 765 4.75 -4.94 22.43
CA ASN A 765 4.31 -3.77 23.18
C ASN A 765 3.48 -4.14 24.37
N GLY A 766 2.63 -5.16 24.18
CA GLY A 766 1.92 -5.79 25.30
C GLY A 766 2.88 -6.28 26.38
N ILE A 767 3.84 -7.12 26.01
CA ILE A 767 4.81 -7.66 26.97
C ILE A 767 5.54 -6.56 27.70
N LYS A 768 5.97 -5.54 26.96
CA LYS A 768 6.64 -4.38 27.54
C LYS A 768 5.76 -3.71 28.62
N VAL A 769 4.44 -3.66 28.39
CA VAL A 769 3.51 -3.02 29.31
C VAL A 769 3.30 -3.86 30.54
N MET A 770 2.95 -5.14 30.30
CA MET A 770 2.63 -6.12 31.36
C MET A 770 3.79 -6.60 32.24
N GLY A 771 5.02 -6.57 31.72
CA GLY A 771 6.23 -6.77 32.54
C GLY A 771 6.81 -8.19 32.66
N ASP A 772 7.07 -8.58 33.91
CA ASP A 772 7.71 -9.86 34.26
C ASP A 772 6.80 -11.08 34.26
N ASN A 773 7.19 -12.11 33.51
CA ASN A 773 6.46 -13.37 33.49
C ASN A 773 5.00 -13.26 33.11
N CYS A 774 4.72 -12.42 32.11
CA CYS A 774 3.36 -12.09 31.72
C CYS A 774 2.78 -13.17 30.83
N LEU A 775 3.57 -14.18 30.50
CA LEU A 775 3.07 -15.24 29.64
C LEU A 775 3.11 -16.58 30.37
N SER A 776 2.19 -17.47 30.02
CA SER A 776 2.15 -18.78 30.63
C SER A 776 2.80 -19.78 29.68
N GLU A 777 3.00 -21.01 30.16
CA GLU A 777 3.79 -21.99 29.44
C GLU A 777 3.12 -22.44 28.14
N ASP A 778 1.81 -22.61 28.19
CA ASP A 778 1.05 -22.97 27.01
C ASP A 778 1.10 -21.87 25.97
N GLN A 779 1.00 -20.61 26.42
CA GLN A 779 1.11 -19.44 25.53
C GLN A 779 2.46 -19.41 24.82
N LEU A 780 3.53 -19.62 25.60
CA LEU A 780 4.89 -19.74 25.08
C LEU A 780 5.05 -20.86 24.03
N ALA A 781 4.31 -21.94 24.23
CA ALA A 781 4.30 -23.04 23.26
C ALA A 781 3.49 -22.69 22.00
N ALA A 782 2.33 -22.05 22.19
CA ALA A 782 1.44 -21.63 21.09
C ALA A 782 2.08 -20.52 20.24
N PHE A 783 2.95 -19.74 20.88
CA PHE A 783 3.70 -18.68 20.21
C PHE A 783 4.71 -19.28 19.27
N THR A 784 5.29 -20.38 19.72
CA THR A 784 6.38 -21.02 19.00
C THR A 784 5.87 -21.60 17.68
N LYS A 785 4.68 -22.19 17.74
CA LYS A 785 4.06 -22.78 16.58
C LYS A 785 3.79 -21.67 15.57
N GLY A 786 3.20 -20.58 16.06
CA GLY A 786 2.95 -19.39 15.25
C GLY A 786 4.22 -18.82 14.63
N VAL A 787 5.28 -18.68 15.44
CA VAL A 787 6.57 -18.24 14.92
C VAL A 787 7.06 -19.15 13.80
N SER A 788 6.86 -20.45 13.99
CA SER A 788 7.27 -21.44 13.00
C SER A 788 6.44 -21.39 11.70
N ALA A 789 5.11 -21.34 11.84
CA ALA A 789 4.26 -21.19 10.67
C ALA A 789 4.58 -19.91 9.89
N ASN A 790 4.90 -18.83 10.61
CA ASN A 790 5.33 -17.57 9.99
C ASN A 790 6.63 -17.73 9.22
N LEU A 791 7.59 -18.44 9.82
CA LEU A 791 8.88 -18.64 9.17
C LEU A 791 8.70 -19.55 7.96
N THR A 792 7.92 -20.61 8.14
CA THR A 792 7.66 -21.55 7.07
C THR A 792 7.05 -20.87 5.84
N ASP A 793 5.99 -20.10 6.03
CA ASP A 793 5.29 -19.46 4.90
C ASP A 793 6.09 -18.31 4.29
N THR A 794 7.00 -17.71 5.05
CA THR A 794 7.89 -16.67 4.51
C THR A 794 8.90 -17.29 3.55
N TYR A 795 9.50 -18.40 4.01
CA TYR A 795 10.41 -19.20 3.20
C TYR A 795 9.75 -19.58 1.87
N GLU A 796 8.55 -20.17 1.95
CA GLU A 796 7.78 -20.63 0.78
C GLU A 796 7.46 -19.52 -0.24
N ARG A 797 7.03 -18.35 0.24
CA ARG A 797 6.77 -17.19 -0.63
C ARG A 797 8.05 -16.62 -1.27
N MET A 798 9.17 -16.75 -0.55
CA MET A 798 10.44 -16.17 -0.98
C MET A 798 11.23 -17.05 -1.94
N GLN A 799 11.04 -18.36 -1.84
CA GLN A 799 11.57 -19.32 -2.81
C GLN A 799 10.73 -19.25 -4.09
N ASP A 800 10.25 -18.03 -4.41
CA ASP A 800 9.49 -17.76 -5.64
C ASP A 800 9.99 -16.51 -6.38
N ARG A 801 11.25 -16.13 -6.14
CA ARG A 801 11.79 -14.84 -6.55
C ARG A 801 13.26 -14.71 -6.17
N ASP A 806 13.72 -14.16 -15.61
CA ASP A 806 12.91 -15.19 -16.27
C ASP A 806 12.78 -14.93 -17.80
N GLU A 807 12.47 -16.00 -18.54
CA GLU A 807 12.27 -15.93 -20.00
C GLU A 807 11.25 -14.87 -20.45
N TYR A 808 10.24 -14.64 -19.60
CA TYR A 808 9.02 -13.92 -19.97
C TYR A 808 8.80 -12.66 -19.15
N ASN A 809 9.47 -12.59 -17.98
CA ASN A 809 9.37 -11.48 -17.03
C ASN A 809 10.69 -10.86 -16.63
N GLU A 810 10.64 -9.59 -16.21
CA GLU A 810 11.82 -8.88 -15.73
C GLU A 810 11.96 -9.12 -14.26
N ASP A 817 10.04 -6.46 -1.88
CA ASP A 817 9.84 -7.50 -0.88
C ASP A 817 10.50 -7.12 0.45
N PHE A 818 10.30 -5.85 0.84
CA PHE A 818 10.63 -5.38 2.18
C PHE A 818 9.53 -5.88 3.11
N THR A 819 8.33 -6.04 2.55
CA THR A 819 7.21 -6.69 3.22
C THR A 819 7.68 -7.88 4.06
N ASP A 820 8.48 -8.74 3.41
CA ASP A 820 9.07 -9.95 4.03
C ASP A 820 10.17 -9.60 5.02
N GLU A 821 11.01 -8.63 4.64
CA GLU A 821 12.10 -8.25 5.50
C GLU A 821 11.54 -7.69 6.80
N ASP A 822 10.51 -6.85 6.68
CA ASP A 822 9.92 -6.14 7.82
C ASP A 822 9.29 -7.09 8.83
N LEU A 823 8.51 -8.03 8.29
CA LEU A 823 7.97 -9.09 9.12
C LEU A 823 9.04 -9.81 9.97
N LEU A 824 10.13 -10.21 9.32
CA LEU A 824 11.19 -10.94 10.00
C LEU A 824 11.88 -10.05 11.03
N ASP A 825 11.93 -8.76 10.72
CA ASP A 825 12.49 -7.78 11.63
C ASP A 825 11.74 -7.81 12.95
N GLU A 826 10.42 -7.93 12.87
CA GLU A 826 9.63 -7.83 14.07
C GLU A 826 9.59 -9.14 14.83
N ILE A 827 9.63 -10.25 14.08
CA ILE A 827 9.70 -11.57 14.72
C ILE A 827 10.93 -11.65 15.64
N ASN A 828 12.04 -11.11 15.15
CA ASN A 828 13.21 -10.91 15.98
C ASN A 828 12.89 -10.22 17.30
N LYS A 829 12.12 -9.14 17.21
CA LYS A 829 11.82 -8.34 18.39
C LYS A 829 10.94 -9.12 19.36
N SER A 830 9.96 -9.86 18.84
CA SER A 830 9.03 -10.57 19.74
C SER A 830 9.73 -11.71 20.50
N ILE A 831 10.53 -12.47 19.77
CA ILE A 831 11.35 -13.51 20.34
C ILE A 831 12.20 -12.91 21.46
N ALA A 832 12.89 -11.81 21.14
CA ALA A 832 13.72 -11.14 22.14
C ALA A 832 12.87 -10.78 23.35
N ALA A 833 11.67 -10.27 23.06
CA ALA A 833 10.81 -9.76 24.11
C ALA A 833 10.34 -10.92 24.97
N VAL A 834 10.03 -12.03 24.30
CA VAL A 834 9.55 -13.24 25.01
C VAL A 834 10.66 -13.84 25.89
N LEU A 835 11.86 -13.98 25.33
CA LEU A 835 13.05 -14.37 26.09
C LEU A 835 13.17 -13.63 27.43
N LYS A 836 13.15 -12.30 27.33
CA LYS A 836 13.21 -11.36 28.46
C LYS A 836 12.12 -11.52 29.54
N THR A 837 10.87 -11.64 29.10
CA THR A 837 9.79 -11.82 30.06
C THR A 837 9.90 -13.18 30.77
N THR A 838 10.22 -14.22 29.99
CA THR A 838 10.45 -15.57 30.53
C THR A 838 11.73 -15.64 31.36
N ASN A 839 12.62 -14.67 31.18
CA ASN A 839 13.86 -14.68 31.91
C ASN A 839 14.73 -15.90 31.51
N GLY A 840 14.68 -16.28 30.23
CA GLY A 840 15.48 -17.39 29.69
C GLY A 840 14.66 -18.60 29.30
N HIS A 841 13.71 -18.93 30.18
CA HIS A 841 12.92 -20.15 30.07
C HIS A 841 12.40 -20.46 28.68
N TYR A 842 12.33 -19.45 27.82
CA TYR A 842 11.85 -19.65 26.44
C TYR A 842 12.88 -20.36 25.52
N LEU A 843 14.09 -20.55 26.04
CA LEU A 843 15.12 -21.34 25.35
C LEU A 843 14.58 -22.72 25.01
N LYS A 844 13.98 -23.37 26.02
CA LYS A 844 13.36 -24.68 25.84
C LYS A 844 12.51 -24.71 24.55
N ASN A 845 11.45 -23.91 24.52
CA ASN A 845 10.51 -23.90 23.39
C ASN A 845 11.21 -23.53 22.08
N LEU A 846 12.18 -22.63 22.20
CA LEU A 846 12.91 -22.13 21.06
C LEU A 846 13.64 -23.23 20.28
N GLU A 847 13.92 -24.35 20.94
CA GLU A 847 14.59 -25.51 20.33
C GLU A 847 13.83 -26.15 19.17
N ASN A 848 12.50 -26.09 19.19
CA ASN A 848 11.67 -26.77 18.19
C ASN A 848 11.77 -26.20 16.78
N ILE A 849 12.17 -24.94 16.70
CA ILE A 849 12.27 -24.28 15.42
C ILE A 849 13.72 -24.10 15.00
N TRP A 850 14.61 -24.90 15.58
CA TRP A 850 16.03 -24.85 15.22
C TRP A 850 16.33 -25.28 13.77
N PRO A 851 15.69 -26.38 13.30
CA PRO A 851 15.76 -26.70 11.87
C PRO A 851 15.48 -25.49 11.00
N MET A 852 14.36 -24.82 11.30
CA MET A 852 13.93 -23.60 10.60
C MET A 852 15.00 -22.53 10.61
N ILE A 853 15.43 -22.12 11.81
CA ILE A 853 16.56 -21.21 12.01
C ILE A 853 17.74 -21.60 11.12
N ASN A 854 18.12 -22.89 11.18
CA ASN A 854 19.30 -23.37 10.49
C ASN A 854 19.28 -23.24 8.98
N THR A 855 18.15 -23.59 8.37
CA THR A 855 17.94 -23.41 6.93
C THR A 855 18.19 -21.95 6.49
N PHE A 856 17.69 -21.02 7.30
CA PHE A 856 17.81 -19.58 7.09
C PHE A 856 19.27 -19.15 7.06
N LEU A 857 20.02 -19.61 8.06
CA LEU A 857 21.43 -19.30 8.23
C LEU A 857 22.26 -19.52 6.95
N LEU A 858 21.98 -20.60 6.23
CA LEU A 858 22.69 -20.86 4.98
C LEU A 858 21.75 -20.73 3.79
N GLU A 861 20.40 -16.51 0.55
CA GLU A 861 19.43 -15.41 0.42
C GLU A 861 19.49 -14.48 1.64
N PRO A 862 20.03 -13.25 1.46
CA PRO A 862 20.51 -12.37 2.56
C PRO A 862 19.52 -12.07 3.70
N ILE A 863 18.25 -11.83 3.36
CA ILE A 863 17.22 -11.45 4.35
C ILE A 863 17.01 -12.55 5.41
N LEU A 864 16.95 -13.81 4.95
CA LEU A 864 16.79 -14.95 5.86
C LEU A 864 18.03 -15.13 6.74
N VAL A 865 19.17 -14.66 6.24
CA VAL A 865 20.47 -14.86 6.88
C VAL A 865 20.56 -13.90 8.04
N ILE A 866 20.28 -12.64 7.72
CA ILE A 866 20.26 -11.54 8.67
C ILE A 866 19.37 -11.94 9.85
N PHE A 867 18.18 -12.41 9.50
CA PHE A 867 17.24 -12.87 10.52
C PHE A 867 17.88 -13.85 11.49
N ALA A 868 18.45 -14.92 10.92
CA ALA A 868 19.02 -16.03 11.67
C ALA A 868 20.10 -15.54 12.63
N LEU A 869 21.06 -14.80 12.09
CA LEU A 869 22.10 -14.20 12.90
C LEU A 869 21.51 -13.39 14.05
N VAL A 870 20.48 -12.59 13.78
CA VAL A 870 19.88 -11.76 14.85
C VAL A 870 19.31 -12.65 15.97
N VAL A 871 18.64 -13.73 15.58
CA VAL A 871 18.12 -14.67 16.58
C VAL A 871 19.24 -15.24 17.48
N ILE A 872 20.32 -15.70 16.84
CA ILE A 872 21.44 -16.33 17.55
C ILE A 872 22.07 -15.41 18.59
N GLY A 873 22.22 -14.13 18.24
CA GLY A 873 22.69 -13.11 19.19
C GLY A 873 21.83 -13.06 20.45
N ASP A 874 20.52 -13.15 20.28
CA ASP A 874 19.59 -13.18 21.41
C ASP A 874 19.72 -14.46 22.24
N LEU A 875 19.90 -15.58 21.55
CA LEU A 875 20.09 -16.88 22.21
C LEU A 875 21.20 -16.80 23.26
N ILE A 876 22.41 -16.52 22.80
CA ILE A 876 23.60 -16.39 23.66
C ILE A 876 23.40 -15.50 24.89
N GLN A 877 22.59 -14.45 24.74
CA GLN A 877 22.31 -13.53 25.84
C GLN A 877 21.76 -14.24 27.08
N TYR A 878 21.22 -15.44 26.88
CA TYR A 878 20.64 -16.25 27.95
C TYR A 878 21.22 -17.66 27.94
N GLU A 881 26.56 -20.23 28.23
CA GLU A 881 27.21 -21.35 27.56
C GLU A 881 26.32 -22.60 27.60
N GLN A 882 25.02 -22.41 27.31
CA GLN A 882 24.07 -23.52 27.21
C GLN A 882 23.69 -23.71 25.73
N THR A 883 24.48 -23.09 24.88
CA THR A 883 24.29 -23.08 23.43
C THR A 883 25.36 -23.92 22.74
N ALA A 884 26.36 -24.32 23.53
CA ALA A 884 27.40 -25.24 23.08
C ALA A 884 26.84 -26.30 22.13
N SER A 885 25.64 -26.78 22.44
CA SER A 885 24.96 -27.74 21.57
C SER A 885 25.02 -27.31 20.10
N MET A 886 25.26 -26.03 19.85
CA MET A 886 25.15 -25.51 18.49
C MET A 886 26.30 -24.64 18.04
N LYS A 887 27.23 -24.32 18.95
CA LYS A 887 28.49 -23.67 18.57
C LYS A 887 28.92 -24.18 17.18
N ASN A 888 28.98 -25.50 17.03
CA ASN A 888 29.51 -26.08 15.81
C ASN A 888 28.61 -25.86 14.60
N ALA A 889 27.33 -25.61 14.86
CA ALA A 889 26.34 -25.51 13.79
C ALA A 889 26.31 -24.12 13.19
N PHE A 890 26.82 -23.13 13.93
CA PHE A 890 26.72 -21.77 13.41
C PHE A 890 28.02 -20.96 13.26
N ILE A 891 29.09 -21.25 14.00
CA ILE A 891 30.26 -20.36 13.92
C ILE A 891 30.94 -20.37 12.54
N PRO A 892 30.85 -21.53 11.85
CA PRO A 892 31.35 -21.65 10.48
C PRO A 892 30.68 -20.61 9.57
N LYS A 893 29.36 -20.48 9.65
CA LYS A 893 28.68 -19.45 8.88
C LYS A 893 28.89 -18.02 9.42
N VAL A 894 29.01 -17.87 10.74
CA VAL A 894 29.15 -16.52 11.35
C VAL A 894 30.48 -15.88 10.96
N THR A 895 31.54 -16.70 11.03
CA THR A 895 32.90 -16.27 10.70
C THR A 895 32.98 -15.89 9.22
N GLU A 896 32.22 -16.61 8.39
CA GLU A 896 32.06 -16.31 6.96
C GLU A 896 31.44 -14.93 6.81
N CYS A 897 30.32 -14.76 7.53
CA CYS A 897 29.50 -13.57 7.48
C CYS A 897 30.23 -12.31 7.92
N LEU A 898 31.16 -12.45 8.88
CA LEU A 898 32.01 -11.35 9.30
C LEU A 898 32.54 -10.51 8.13
N ILE A 899 33.04 -11.16 7.10
CA ILE A 899 33.62 -10.44 5.96
C ILE A 899 32.67 -10.28 4.77
N SER A 900 31.38 -10.52 4.99
CA SER A 900 30.37 -10.37 3.94
C SER A 900 30.29 -8.97 3.32
N PRO A 901 30.03 -8.91 1.98
CA PRO A 901 29.83 -7.65 1.24
C PRO A 901 28.66 -6.88 1.83
N ASP A 902 27.84 -7.62 2.57
CA ASP A 902 26.67 -7.04 3.19
C ASP A 902 26.89 -6.59 4.64
N ALA A 903 26.75 -5.28 4.84
CA ALA A 903 26.94 -4.60 6.12
C ALA A 903 26.07 -5.12 7.25
N ARG A 904 24.84 -5.51 6.90
CA ARG A 904 23.81 -5.98 7.83
C ARG A 904 24.21 -7.35 8.40
N ILE A 905 24.87 -8.14 7.55
CA ILE A 905 25.39 -9.45 7.93
C ILE A 905 26.62 -9.29 8.84
N ARG A 906 27.53 -8.40 8.48
CA ARG A 906 28.72 -8.18 9.28
C ARG A 906 28.32 -7.71 10.68
N GLN A 907 27.41 -6.72 10.70
CA GLN A 907 26.82 -6.16 11.93
C GLN A 907 26.29 -7.23 12.89
N ALA A 908 25.35 -8.03 12.39
CA ALA A 908 24.74 -9.09 13.18
C ALA A 908 25.78 -10.11 13.63
N ALA A 909 26.70 -10.42 12.71
CA ALA A 909 27.79 -11.36 12.96
C ALA A 909 28.69 -10.90 14.12
N SER A 910 29.30 -9.73 13.96
CA SER A 910 30.19 -9.21 14.99
C SER A 910 29.53 -9.12 16.36
N TYR A 911 28.26 -8.72 16.40
CA TYR A 911 27.52 -8.59 17.67
C TYR A 911 27.48 -9.95 18.34
N ILE A 912 27.24 -10.99 17.54
CA ILE A 912 27.26 -12.39 17.99
C ILE A 912 28.61 -12.80 18.59
N ILE A 913 29.70 -12.47 17.91
CA ILE A 913 31.02 -12.80 18.41
C ILE A 913 31.33 -12.02 19.69
N GLY A 914 30.80 -10.80 19.78
CA GLY A 914 31.06 -9.97 20.96
C GLY A 914 30.23 -10.46 22.12
N VAL A 915 29.01 -10.87 21.81
CA VAL A 915 28.09 -11.34 22.83
C VAL A 915 28.59 -12.69 23.37
N CYS A 916 29.23 -13.47 22.50
CA CYS A 916 29.87 -14.72 22.93
C CYS A 916 30.82 -14.49 24.10
N ALA A 917 31.69 -13.50 24.01
CA ALA A 917 32.69 -13.23 25.06
C ALA A 917 32.09 -12.58 26.31
N GLN A 918 30.82 -12.23 26.23
CA GLN A 918 30.19 -11.50 27.30
C GLN A 918 29.42 -12.44 28.21
N TYR A 919 28.64 -13.34 27.60
CA TYR A 919 27.74 -14.24 28.33
C TYR A 919 28.22 -15.69 28.39
N ALA A 920 29.09 -16.05 27.45
CA ALA A 920 29.64 -17.41 27.35
C ALA A 920 31.19 -17.40 27.30
N PRO A 921 31.84 -16.72 28.27
CA PRO A 921 33.25 -16.36 28.06
C PRO A 921 34.12 -17.54 27.62
N SER A 922 33.88 -18.72 28.18
CA SER A 922 34.86 -19.78 28.08
C SER A 922 34.51 -20.85 27.04
N THR A 923 33.24 -21.14 26.86
CA THR A 923 32.90 -22.07 25.78
C THR A 923 33.11 -21.48 24.35
N TYR A 924 33.86 -20.36 24.20
CA TYR A 924 34.00 -19.58 22.92
C TYR A 924 35.38 -18.98 22.50
N ALA A 925 36.34 -18.89 23.43
CA ALA A 925 37.73 -18.36 23.24
C ALA A 925 38.56 -18.73 22.01
N ASP A 926 38.50 -20.01 21.65
CA ASP A 926 39.13 -20.58 20.46
C ASP A 926 38.64 -19.88 19.20
N VAL A 927 37.53 -19.14 19.33
CA VAL A 927 36.93 -18.41 18.22
C VAL A 927 37.23 -16.91 18.32
N CYS A 928 36.94 -16.35 19.49
CA CYS A 928 36.98 -14.91 19.67
C CYS A 928 38.34 -14.29 19.40
N ILE A 929 39.39 -14.92 19.94
CA ILE A 929 40.74 -14.40 19.80
C ILE A 929 41.28 -14.58 18.37
N PRO A 930 41.02 -15.74 17.73
CA PRO A 930 41.38 -15.86 16.29
C PRO A 930 40.77 -14.76 15.43
N THR A 931 39.44 -14.65 15.49
CA THR A 931 38.69 -13.68 14.70
C THR A 931 39.17 -12.25 14.95
N LEU A 932 39.72 -12.01 16.14
CA LEU A 932 40.10 -10.67 16.59
C LEU A 932 40.87 -9.81 15.55
N ASP A 933 41.63 -10.48 14.70
CA ASP A 933 42.35 -9.79 13.63
C ASP A 933 41.41 -9.40 12.51
N THR A 934 40.49 -10.31 12.20
CA THR A 934 39.40 -10.08 11.25
C THR A 934 38.66 -8.80 11.65
N LEU A 935 38.37 -8.66 12.94
CA LEU A 935 37.64 -7.52 13.48
C LEU A 935 38.41 -6.22 13.33
N VAL A 936 39.72 -6.29 13.52
CA VAL A 936 40.53 -5.09 13.35
C VAL A 936 40.50 -4.65 11.88
N GLN A 937 40.28 -5.60 10.99
CA GLN A 937 40.19 -5.33 9.54
C GLN A 937 38.79 -4.87 9.06
N ILE A 938 37.73 -5.55 9.52
CA ILE A 938 36.34 -5.15 9.22
C ILE A 938 36.14 -3.73 9.69
N VAL A 939 36.71 -3.42 10.85
CA VAL A 939 36.76 -2.05 11.37
C VAL A 939 37.23 -1.03 10.30
N ASP A 940 38.10 -1.47 9.39
CA ASP A 940 38.79 -0.56 8.45
C ASP A 940 38.49 -0.86 6.99
N SER A 944 33.99 2.02 5.58
CA SER A 944 33.75 1.67 6.97
C SER A 944 33.04 2.78 7.74
N LYS A 945 33.76 3.87 7.98
CA LYS A 945 33.22 5.03 8.69
C LYS A 945 32.43 5.87 7.70
N LEU A 946 31.24 5.39 7.35
CA LEU A 946 30.41 5.99 6.32
C LEU A 946 28.95 5.72 6.69
N GLU A 947 28.07 6.68 6.47
CA GLU A 947 26.69 6.58 6.94
C GLU A 947 26.07 5.17 6.87
N GLU A 948 26.11 4.55 5.69
CA GLU A 948 25.45 3.26 5.45
C GLU A 948 25.90 2.10 6.33
N ASN A 949 27.19 2.09 6.66
CA ASN A 949 27.77 1.00 7.45
C ASN A 949 28.51 1.47 8.70
N ARG A 950 28.26 2.71 9.13
CA ARG A 950 28.83 3.25 10.38
C ARG A 950 28.31 2.43 11.56
N SER A 951 27.13 1.86 11.36
CA SER A 951 26.49 1.01 12.34
C SER A 951 27.24 -0.31 12.49
N SER A 952 27.50 -0.99 11.35
CA SER A 952 28.22 -2.29 11.31
C SER A 952 29.61 -2.21 11.94
N THR A 953 30.35 -1.17 11.57
CA THR A 953 31.69 -1.03 12.09
C THR A 953 31.68 -0.61 13.56
N GLU A 954 30.58 -0.01 14.03
CA GLU A 954 30.50 0.30 15.46
C GLU A 954 30.27 -0.94 16.31
N ASN A 955 29.54 -1.92 15.75
CA ASN A 955 29.34 -3.20 16.43
C ASN A 955 30.62 -4.00 16.53
N ALA A 956 31.33 -4.13 15.41
CA ALA A 956 32.64 -4.75 15.43
C ALA A 956 33.52 -4.07 16.50
N SER A 957 33.57 -2.76 16.49
CA SER A 957 34.37 -2.02 17.47
C SER A 957 34.04 -2.43 18.90
N ALA A 958 32.75 -2.55 19.19
CA ALA A 958 32.28 -2.91 20.52
C ALA A 958 32.60 -4.37 20.80
N ALA A 959 32.45 -5.19 19.75
CA ALA A 959 32.75 -6.61 19.81
C ALA A 959 34.22 -6.87 20.23
N ILE A 960 35.16 -6.10 19.69
CA ILE A 960 36.57 -6.25 20.08
C ILE A 960 36.86 -5.75 21.51
N ALA A 961 36.20 -4.69 21.92
CA ALA A 961 36.30 -4.20 23.29
C ALA A 961 35.77 -5.23 24.28
N LYS A 962 34.86 -6.07 23.84
CA LYS A 962 34.29 -7.14 24.67
C LYS A 962 35.31 -8.28 24.90
N ILE A 963 35.92 -8.73 23.81
CA ILE A 963 37.03 -9.68 23.85
C ILE A 963 38.20 -9.19 24.72
N LEU A 964 38.63 -7.95 24.51
CA LEU A 964 39.65 -7.31 25.37
C LEU A 964 39.27 -7.28 26.85
N TYR A 965 37.98 -7.39 27.15
CA TYR A 965 37.53 -7.36 28.53
C TYR A 965 37.59 -8.74 29.14
N ALA A 966 36.93 -9.68 28.47
CA ALA A 966 36.82 -11.05 28.94
C ALA A 966 38.18 -11.68 29.25
N TYR A 967 39.13 -11.53 28.34
CA TYR A 967 40.44 -12.20 28.46
C TYR A 967 41.57 -11.17 28.64
N ASN A 968 41.39 -10.32 29.65
CA ASN A 968 42.14 -9.04 29.85
C ASN A 968 43.69 -8.95 29.79
N SER A 969 44.40 -9.74 30.62
CA SER A 969 45.87 -9.88 30.52
C SER A 969 46.36 -11.24 29.97
N ASN A 970 45.48 -11.92 29.22
CA ASN A 970 45.78 -13.22 28.62
C ASN A 970 45.96 -13.13 27.11
N ILE A 971 46.12 -11.90 26.62
CA ILE A 971 46.12 -11.65 25.18
C ILE A 971 47.50 -11.40 24.55
N PRO A 972 47.83 -12.16 23.47
CA PRO A 972 48.98 -11.84 22.63
C PRO A 972 48.82 -10.48 21.93
N ASP A 975 47.68 -6.46 22.88
CA ASP A 975 47.80 -5.11 23.44
C ASP A 975 47.96 -4.00 22.37
N THR A 976 48.50 -4.38 21.21
CA THR A 976 48.41 -3.49 20.07
C THR A 976 46.93 -3.17 20.00
N TYR A 977 46.18 -4.26 20.03
CA TYR A 977 44.73 -4.26 20.02
C TYR A 977 44.08 -3.04 20.66
N THR A 978 44.32 -2.82 21.95
CA THR A 978 43.58 -1.76 22.64
C THR A 978 43.76 -0.39 21.97
N ALA A 979 45.00 -0.12 21.54
CA ALA A 979 45.31 1.13 20.83
C ALA A 979 44.71 1.14 19.41
N ASN A 980 44.42 -0.03 18.84
CA ASN A 980 43.65 -0.15 17.60
C ASN A 980 42.22 0.30 17.86
N TRP A 981 41.59 -0.41 18.81
CA TRP A 981 40.24 -0.19 19.27
C TRP A 981 39.97 1.28 19.50
N PHE A 982 40.84 1.90 20.31
CA PHE A 982 40.73 3.33 20.55
C PHE A 982 40.46 4.13 19.27
N LYS A 983 41.19 3.83 18.20
CA LYS A 983 41.07 4.58 16.93
C LYS A 983 39.72 4.34 16.22
N THR A 984 38.85 3.59 16.88
CA THR A 984 37.51 3.35 16.38
C THR A 984 36.55 4.24 17.12
N LEU A 985 37.07 4.97 18.11
CA LEU A 985 36.26 5.93 18.81
C LEU A 985 36.22 7.18 17.98
N PRO A 986 35.10 7.90 18.04
CA PRO A 986 33.97 7.71 18.95
C PRO A 986 32.85 6.79 18.44
N THR A 987 32.00 6.37 19.37
CA THR A 987 30.83 5.57 19.05
C THR A 987 29.59 6.46 19.22
N ILE A 988 28.88 6.66 18.11
CA ILE A 988 27.90 7.76 18.04
C ILE A 988 26.56 7.28 17.56
N THR A 989 26.52 6.04 17.15
CA THR A 989 25.30 5.60 16.47
C THR A 989 24.53 4.49 17.16
N ASP A 990 25.21 3.40 17.52
CA ASP A 990 24.60 2.32 18.27
C ASP A 990 24.78 2.64 19.75
N LYS A 991 23.66 2.64 20.48
CA LYS A 991 23.61 3.14 21.85
C LYS A 991 24.16 2.14 22.87
N GLU A 992 23.78 0.87 22.69
CA GLU A 992 24.16 -0.22 23.59
C GLU A 992 25.66 -0.56 23.44
N ALA A 993 26.12 -0.47 22.19
CA ALA A 993 27.55 -0.54 21.92
C ALA A 993 28.30 0.59 22.64
N ALA A 994 27.88 1.82 22.37
CA ALA A 994 28.51 3.00 22.99
C ALA A 994 28.55 2.87 24.50
N SER A 995 27.49 2.26 25.04
CA SER A 995 27.36 2.07 26.47
C SER A 995 28.51 1.21 27.01
N PHE A 996 28.82 0.13 26.31
CA PHE A 996 29.94 -0.68 26.73
C PHE A 996 31.30 0.04 26.58
N ASN A 997 31.56 0.59 25.39
CA ASN A 997 32.87 1.20 25.12
C ASN A 997 33.26 2.25 26.15
N TYR A 998 32.34 3.11 26.56
CA TYR A 998 32.71 4.15 27.53
C TYR A 998 32.79 3.64 28.95
N GLN A 999 32.11 2.51 29.22
CA GLN A 999 32.28 1.82 30.50
C GLN A 999 33.73 1.28 30.56
N PHE A 1000 34.13 0.55 29.51
CA PHE A 1000 35.51 0.08 29.34
C PHE A 1000 36.56 1.22 29.32
N LEU A 1001 36.26 2.31 28.62
CA LEU A 1001 37.13 3.47 28.64
C LEU A 1001 37.31 4.00 30.08
N SER A 1002 36.28 3.90 30.90
CA SER A 1002 36.31 4.46 32.27
C SER A 1002 37.14 3.62 33.26
N GLN A 1003 37.43 2.37 32.89
CA GLN A 1003 38.44 1.59 33.61
C GLN A 1003 39.84 1.90 33.06
N GLN A 1015 48.71 10.47 29.07
CA GLN A 1015 49.42 10.71 27.81
C GLN A 1015 49.18 12.11 27.17
N SER A 1016 49.26 12.19 25.85
CA SER A 1016 48.77 13.34 25.09
C SER A 1016 47.68 12.83 24.13
N ASN A 1017 47.11 11.68 24.50
CA ASN A 1017 45.82 11.18 24.01
C ASN A 1017 44.68 11.92 24.68
N ILE A 1018 45.02 12.77 25.65
CA ILE A 1018 44.08 13.52 26.48
C ILE A 1018 42.98 14.28 25.72
N SER A 1019 43.35 15.00 24.65
CA SER A 1019 42.36 15.71 23.84
C SER A 1019 41.46 14.75 23.02
N ALA A 1020 42.01 13.59 22.64
CA ALA A 1020 41.22 12.58 21.96
C ALA A 1020 40.36 11.79 22.94
N VAL A 1021 40.85 11.66 24.18
CA VAL A 1021 40.10 11.01 25.26
C VAL A 1021 38.82 11.79 25.53
N VAL A 1022 38.96 13.08 25.80
CA VAL A 1022 37.84 13.96 26.07
C VAL A 1022 36.89 13.99 24.88
N ASP A 1023 37.39 14.40 23.74
CA ASP A 1023 36.55 14.52 22.56
C ASP A 1023 35.73 13.26 22.29
N SER A 1024 36.35 12.09 22.44
CA SER A 1024 35.65 10.80 22.29
C SER A 1024 34.36 10.78 23.10
N VAL A 1025 34.40 11.44 24.26
CA VAL A 1025 33.26 11.51 25.18
C VAL A 1025 32.28 12.64 24.79
N ILE A 1026 32.80 13.85 24.57
CA ILE A 1026 31.95 14.96 24.12
C ILE A 1026 31.16 14.50 22.90
N GLN A 1027 31.82 13.79 22.00
CA GLN A 1027 31.16 13.36 20.78
C GLN A 1027 29.97 12.42 21.06
N ALA A 1028 30.18 11.44 21.94
CA ALA A 1028 29.12 10.49 22.26
C ALA A 1028 27.95 11.20 22.94
N LEU A 1029 28.27 12.03 23.92
CA LEU A 1029 27.26 12.84 24.61
C LEU A 1029 26.47 13.69 23.62
N ASN A 1030 27.17 14.57 22.90
CA ASN A 1030 26.54 15.49 21.97
C ASN A 1030 25.72 14.79 20.90
N GLU A 1031 26.15 13.61 20.48
CA GLU A 1031 25.41 12.86 19.48
C GLU A 1031 24.28 12.09 20.14
N ARG A 1032 24.21 12.17 21.47
CA ARG A 1032 23.22 11.44 22.27
C ARG A 1032 23.19 9.93 21.94
N SER A 1033 24.36 9.29 21.98
CA SER A 1033 24.48 7.83 21.80
C SER A 1033 24.67 7.09 23.12
N LEU A 1034 25.26 7.75 24.10
CA LEU A 1034 25.39 7.14 25.43
C LEU A 1034 24.65 7.90 26.53
N THR A 1041 29.15 8.67 33.64
CA THR A 1041 30.14 8.26 34.65
C THR A 1041 31.60 8.25 34.16
N VAL A 1042 31.80 7.94 32.87
CA VAL A 1042 33.09 8.13 32.19
C VAL A 1042 33.55 9.60 32.34
N ILE A 1043 32.59 10.50 32.57
CA ILE A 1043 32.85 11.90 32.98
C ILE A 1043 33.69 11.96 34.26
N SER A 1044 33.31 11.17 35.26
CA SER A 1044 34.04 11.12 36.53
C SER A 1044 35.52 10.79 36.29
N SER A 1045 35.77 9.71 35.55
CA SER A 1045 37.13 9.30 35.15
C SER A 1045 37.91 10.45 34.50
N VAL A 1046 37.25 11.15 33.57
CA VAL A 1046 37.85 12.24 32.79
C VAL A 1046 38.26 13.45 33.65
N LYS A 1047 37.40 13.85 34.60
CA LYS A 1047 37.69 14.99 35.47
C LYS A 1047 38.98 14.78 36.29
N LYS A 1048 39.25 13.52 36.62
CA LYS A 1048 40.46 13.11 37.36
C LYS A 1048 41.73 13.28 36.52
N LEU A 1049 41.60 12.90 35.25
CA LEU A 1049 42.65 13.06 34.27
C LEU A 1049 42.98 14.54 34.05
N LEU A 1050 41.95 15.39 33.91
CA LEU A 1050 42.14 16.86 33.81
C LEU A 1050 42.73 17.49 35.08
N GLY A 1051 42.49 16.83 36.22
CA GLY A 1051 43.15 17.17 37.48
C GLY A 1051 44.67 17.08 37.37
N PHE A 1052 45.15 16.06 36.66
CA PHE A 1052 46.59 15.84 36.46
C PHE A 1052 47.32 16.86 35.56
N LEU A 1053 46.64 17.92 35.14
CA LEU A 1053 47.25 18.93 34.27
C LEU A 1053 47.01 20.37 34.76
N PRO A 1054 47.96 21.29 34.46
CA PRO A 1054 47.86 22.69 34.90
C PRO A 1054 46.52 23.35 34.61
N SER A 1055 46.33 24.55 35.18
CA SER A 1055 45.21 25.44 34.85
C SER A 1055 45.04 25.52 33.35
N SER A 1056 46.11 25.99 32.71
CA SER A 1056 46.13 26.33 31.28
C SER A 1056 46.04 25.11 30.36
N ASP A 1057 46.71 24.01 30.70
CA ASP A 1057 46.60 22.77 29.92
C ASP A 1057 45.16 22.20 29.95
N ALA A 1058 44.53 22.26 31.11
CA ALA A 1058 43.17 21.79 31.28
C ALA A 1058 42.18 22.57 30.39
N MET A 1059 42.13 23.90 30.54
CA MET A 1059 41.26 24.79 29.74
C MET A 1059 41.31 24.50 28.25
N ALA A 1060 42.53 24.57 27.70
CA ALA A 1060 42.81 24.51 26.26
C ALA A 1060 42.14 23.41 25.45
N ILE A 1061 41.83 22.26 26.07
CA ILE A 1061 41.18 21.15 25.35
C ILE A 1061 39.87 21.56 24.70
N PHE A 1062 39.10 22.41 25.36
CA PHE A 1062 37.76 22.77 24.88
C PHE A 1062 37.81 23.95 23.94
N ASN A 1063 39.03 24.38 23.62
CA ASN A 1063 39.23 25.58 22.83
C ASN A 1063 38.65 25.37 21.44
N ARG A 1064 38.48 24.11 21.04
CA ARG A 1064 38.01 23.86 19.71
C ARG A 1064 36.50 23.95 19.62
N TYR A 1065 35.83 23.87 20.77
CA TYR A 1065 34.38 23.66 20.81
C TYR A 1065 33.56 24.92 20.66
N PRO A 1066 32.52 24.86 19.80
CA PRO A 1066 31.69 26.04 19.57
C PRO A 1066 30.85 26.40 20.79
N ALA A 1067 30.26 27.60 20.80
CA ALA A 1067 29.45 28.08 21.92
C ALA A 1067 28.39 27.07 22.38
N ASP A 1068 27.56 26.62 21.45
CA ASP A 1068 26.42 25.79 21.78
C ASP A 1068 26.83 24.48 22.47
N ILE A 1069 27.95 23.89 22.07
CA ILE A 1069 28.36 22.67 22.74
C ILE A 1069 29.21 22.95 23.98
N MET A 1070 29.71 24.16 24.10
CA MET A 1070 30.29 24.58 25.36
C MET A 1070 29.24 24.91 26.43
N GLU A 1071 28.01 25.24 26.01
CA GLU A 1071 26.90 25.34 26.96
C GLU A 1071 26.70 23.98 27.63
N LYS A 1072 26.49 22.95 26.79
CA LYS A 1072 26.36 21.58 27.23
C LYS A 1072 27.55 21.10 28.07
N VAL A 1073 28.77 21.49 27.73
CA VAL A 1073 29.99 21.00 28.41
C VAL A 1073 30.05 21.50 29.85
N HIS A 1074 29.75 22.79 30.01
CA HIS A 1074 29.59 23.37 31.33
C HIS A 1074 28.59 22.60 32.19
N LYS A 1075 27.44 22.28 31.61
CA LYS A 1075 26.40 21.50 32.32
C LYS A 1075 26.67 19.98 32.40
N TRP A 1076 27.86 19.53 31.98
CA TRP A 1076 28.24 18.12 32.04
C TRP A 1076 29.38 17.90 33.03
N PHE A 1077 30.21 18.92 33.23
CA PHE A 1077 31.43 18.76 34.02
C PHE A 1077 31.45 19.68 35.23
N ALA B 2 -11.73 19.17 -2.98
CA ALA B 2 -11.25 18.37 -1.79
C ALA B 2 -9.73 18.03 -1.80
N ASN B 3 -8.82 18.89 -1.32
CA ASN B 3 -8.95 20.36 -1.23
C ASN B 3 -7.55 21.02 -1.28
N LYS B 4 -6.59 20.19 -1.67
CA LYS B 4 -5.18 20.45 -1.81
C LYS B 4 -5.06 20.33 -3.31
N VAL B 5 -3.82 20.29 -3.84
CA VAL B 5 -3.58 19.96 -5.24
C VAL B 5 -2.98 18.58 -5.24
N THR B 6 -3.64 17.66 -5.93
CA THR B 6 -3.23 16.25 -5.93
C THR B 6 -3.43 15.69 -7.29
N LYS B 7 -2.99 14.47 -7.47
CA LYS B 7 -3.31 13.74 -8.68
C LYS B 7 -4.13 12.51 -8.35
N ASN B 8 -5.16 12.23 -9.12
CA ASN B 8 -6.00 11.13 -8.67
C ASN B 8 -5.48 9.80 -9.22
N LYS B 9 -6.17 8.69 -8.94
CA LYS B 9 -5.58 7.36 -9.14
C LYS B 9 -6.62 6.28 -9.33
N SER B 10 -6.74 5.83 -10.57
CA SER B 10 -7.53 4.65 -10.92
C SER B 10 -6.62 3.79 -11.82
N ASN B 11 -5.84 2.93 -11.17
CA ASN B 11 -4.73 2.19 -11.77
C ASN B 11 -5.14 0.77 -12.18
#